data_4N0C
#
_entry.id   4N0C
#
_cell.length_a   102.450
_cell.length_b   102.450
_cell.length_c   325.660
_cell.angle_alpha   90.00
_cell.angle_beta   90.00
_cell.angle_gamma   120.00
#
_symmetry.space_group_name_H-M   'P 31 2 1'
#
loop_
_entity.id
_entity.type
_entity.pdbx_description
1 polymer 'H-2 class I histocompatibility antigen, L-D alpha chain'
2 polymer pCPE3
3 polymer '42F3 VmCh alpha'
4 polymer '42F3 VmCh beta'
#
loop_
_entity_poly.entity_id
_entity_poly.type
_entity_poly.pdbx_seq_one_letter_code
_entity_poly.pdbx_strand_id
1 'polypeptide(L)'
;MGPHSMRYYETATSRRGLGEPRYTSVGYVDDKEFVRFDSDAENPRYEPQVPWMEQEGPEYWERITQIAKGQEQWFRVNLR
TLLGYYNQSAGGTHTLQWMYGCDVGSDGRLLRGYEQFAYDGCDYIALNEDLRTWTAADMAAQITRRKWEQAGAAEYYRAY
LEGECVEWLHRYLKNGNATL
;
A,E
2 'polypeptide(L)' MPAGRPWDL B,F
3 'polypeptide(L)'
;GSHMAQSVTQPDARVTVSEGASLQLRCKYSYSATPYLFWYVQYPRQGLQMLLKYYSGDPVVQGVNGFEAEFSKSDSSFHL
RKASVHWSDSAVYFCAVSAKGTGSKLSFGKGAKLTVSPNIQNPDPAVYQLRDSKSSDKSVCLFTDFDSQTNVSQSKDSDV
YITDKCVLDMRSMDFKSNSAVAWSNKSDFACANAFNNSIIPEDTFFPSPESS
;
C,G
4 'polypeptide(L)'
;MGEAAVTQSPRNKVTVTGGNVTLSCRQTNSHNYMYWYRQDTGHGLRLIHYSYGAGNLQIGDVPDGYKATRTTQEDFFLLL
ELASPSQTSLYFCASSDAPGQLYFGEGSKLTVLEDLKNVFPPEVAVFEPSEAEISHTQKATLVCLATGFYPDHVELSWWV
NGKEVHSGVCTDPQPLKEQPALNDSRYALSSRLRVSATFWQNPRNHFRCQVQFYGLSENDEWTQDRAKPVTQIVSAEAWG
RAD
;
D,H
#
# COMPACT_ATOMS: atom_id res chain seq x y z
N PRO A 3 -4.55 51.10 -25.45
CA PRO A 3 -5.49 50.06 -25.03
C PRO A 3 -5.61 48.96 -26.08
N HIS A 4 -5.08 47.77 -25.81
CA HIS A 4 -4.96 46.80 -26.89
C HIS A 4 -5.37 45.38 -26.45
N SER A 5 -5.40 44.42 -27.40
CA SER A 5 -5.93 43.08 -27.14
C SER A 5 -5.31 41.99 -28.03
N MET A 6 -5.27 40.75 -27.54
CA MET A 6 -4.72 39.63 -28.31
C MET A 6 -5.50 38.33 -28.10
N ARG A 7 -5.75 37.57 -29.18
CA ARG A 7 -6.52 36.31 -29.09
C ARG A 7 -6.05 35.21 -30.03
N TYR A 8 -6.34 33.98 -29.62
CA TYR A 8 -6.18 32.81 -30.47
C TYR A 8 -7.41 31.92 -30.34
N TYR A 9 -7.88 31.40 -31.48
CA TYR A 9 -8.99 30.46 -31.51
C TYR A 9 -8.54 29.17 -32.18
N GLU A 10 -8.28 28.15 -31.38
CA GLU A 10 -7.89 26.86 -31.92
C GLU A 10 -9.05 25.89 -31.83
N THR A 11 -9.43 25.33 -32.97
CA THR A 11 -10.64 24.54 -33.06
C THR A 11 -10.39 23.30 -33.89
N ALA A 12 -10.94 22.17 -33.45
CA ALA A 12 -10.89 20.94 -34.22
C ALA A 12 -12.28 20.31 -34.29
N THR A 13 -12.48 19.43 -35.27
CA THR A 13 -13.75 18.76 -35.41
C THR A 13 -13.47 17.30 -35.74
N SER A 14 -13.99 16.41 -34.91
CA SER A 14 -13.67 14.99 -34.97
C SER A 14 -14.06 14.33 -36.29
N ARG A 15 -13.23 13.40 -36.74
CA ARG A 15 -13.61 12.52 -37.84
C ARG A 15 -13.89 11.15 -37.26
N ARG A 16 -15.00 10.56 -37.71
CA ARG A 16 -15.42 9.25 -37.23
C ARG A 16 -14.32 8.22 -37.49
N GLY A 17 -14.39 7.09 -36.79
CA GLY A 17 -13.37 6.06 -36.88
C GLY A 17 -11.97 6.58 -36.61
N GLY A 19 -9.61 8.51 -38.23
CA GLY A 19 -8.80 9.48 -38.93
C GLY A 19 -8.44 10.63 -38.02
N GLU A 20 -7.71 11.61 -38.54
CA GLU A 20 -7.33 12.76 -37.74
C GLU A 20 -8.08 14.00 -38.20
N PRO A 21 -8.64 14.73 -37.24
CA PRO A 21 -9.61 15.82 -37.45
C PRO A 21 -9.09 17.00 -38.25
N ARG A 22 -9.91 18.03 -38.36
CA ARG A 22 -9.55 19.23 -39.09
C ARG A 22 -9.27 20.37 -38.12
N TYR A 23 -8.01 20.78 -38.05
CA TYR A 23 -7.58 21.78 -37.09
C TYR A 23 -7.29 23.14 -37.70
N THR A 24 -7.75 24.19 -37.03
CA THR A 24 -7.49 25.56 -37.45
C THR A 24 -7.16 26.43 -36.25
N SER A 25 -6.22 27.35 -36.44
CA SER A 25 -5.87 28.33 -35.43
C SER A 25 -5.71 29.67 -36.10
N VAL A 26 -6.19 30.72 -35.45
CA VAL A 26 -6.15 32.06 -36.00
C VAL A 26 -5.79 33.06 -34.92
N GLY A 27 -4.91 33.99 -35.25
CA GLY A 27 -4.54 35.02 -34.30
C GLY A 27 -5.29 36.31 -34.52
N TYR A 28 -5.62 36.97 -33.43
CA TYR A 28 -6.34 38.24 -33.49
C TYR A 28 -5.52 39.31 -32.76
N VAL A 29 -5.30 40.44 -33.43
CA VAL A 29 -4.68 41.58 -32.78
C VAL A 29 -5.59 42.80 -32.88
N ASP A 30 -6.00 43.31 -31.73
CA ASP A 30 -6.99 44.39 -31.68
C ASP A 30 -8.14 44.07 -32.63
N ASP A 31 -8.66 42.85 -32.48
CA ASP A 31 -9.84 42.37 -33.19
C ASP A 31 -9.61 42.08 -34.69
N LYS A 32 -8.38 42.19 -35.17
CA LYS A 32 -8.09 41.88 -36.58
C LYS A 32 -7.17 40.69 -36.79
N GLU A 33 -7.62 39.75 -37.62
CA GLU A 33 -6.89 38.51 -37.89
C GLU A 33 -5.55 38.77 -38.59
N PHE A 34 -4.48 38.26 -38.00
CA PHE A 34 -3.13 38.47 -38.54
C PHE A 34 -2.37 37.18 -38.84
N VAL A 35 -2.98 36.02 -38.57
CA VAL A 35 -2.31 34.74 -38.79
C VAL A 35 -3.31 33.59 -38.76
N ARG A 36 -2.98 32.50 -39.45
CA ARG A 36 -3.89 31.36 -39.58
C ARG A 36 -3.14 30.06 -39.78
N PHE A 37 -3.77 28.96 -39.38
CA PHE A 37 -3.24 27.62 -39.63
C PHE A 37 -4.37 26.72 -40.13
N ASP A 38 -4.04 25.78 -41.00
CA ASP A 38 -5.00 24.79 -41.48
C ASP A 38 -4.34 23.47 -41.85
N SER A 39 -5.02 22.37 -41.55
CA SER A 39 -4.43 21.06 -41.68
C SER A 39 -4.70 20.38 -43.02
N ASP A 40 -5.58 20.97 -43.83
CA ASP A 40 -5.97 20.35 -45.10
C ASP A 40 -5.28 20.98 -46.31
N ALA A 41 -4.72 22.17 -46.15
CA ALA A 41 -3.88 22.78 -47.18
C ALA A 41 -2.73 21.83 -47.52
N GLU A 42 -2.34 21.77 -48.79
CA GLU A 42 -1.36 20.78 -49.24
C GLU A 42 0.03 21.12 -48.69
N ASN A 43 0.19 22.36 -48.23
CA ASN A 43 1.38 22.77 -47.51
C ASN A 43 1.03 23.22 -46.11
N PRO A 44 0.54 22.28 -45.27
CA PRO A 44 -0.05 22.67 -43.99
C PRO A 44 1.01 23.36 -43.15
N ARG A 45 0.74 24.61 -42.83
CA ARG A 45 1.75 25.47 -42.23
C ARG A 45 1.08 26.71 -41.67
N TYR A 46 1.84 27.51 -40.94
CA TYR A 46 1.35 28.79 -40.45
C TYR A 46 1.56 29.87 -41.51
N GLU A 47 0.53 30.66 -41.79
CA GLU A 47 0.64 31.67 -42.83
C GLU A 47 0.32 33.05 -42.27
N PRO A 48 1.07 34.06 -42.73
CA PRO A 48 0.79 35.45 -42.41
C PRO A 48 -0.43 35.87 -43.20
N GLN A 49 -1.40 36.49 -42.55
CA GLN A 49 -2.62 36.84 -43.25
C GLN A 49 -2.72 38.35 -43.31
N VAL A 50 -1.58 38.99 -43.06
CA VAL A 50 -1.46 40.44 -43.08
C VAL A 50 -0.05 40.84 -43.54
N PRO A 51 0.08 41.99 -44.24
CA PRO A 51 1.35 42.53 -44.70
C PRO A 51 2.49 42.56 -43.66
N TRP A 52 2.33 43.32 -42.58
CA TRP A 52 3.45 43.59 -41.67
C TRP A 52 4.10 42.33 -41.10
N MET A 53 3.32 41.26 -40.99
CA MET A 53 3.81 40.02 -40.41
C MET A 53 4.84 39.30 -41.31
N GLU A 54 4.97 39.76 -42.55
CA GLU A 54 5.88 39.16 -43.52
C GLU A 54 7.36 39.36 -43.18
N GLN A 55 7.66 40.25 -42.26
CA GLN A 55 9.04 40.58 -41.96
C GLN A 55 9.84 39.41 -41.42
N GLU A 56 9.22 38.60 -40.59
CA GLU A 56 9.90 37.57 -39.82
C GLU A 56 10.55 36.49 -40.66
N GLY A 57 11.68 36.01 -40.19
CA GLY A 57 12.40 34.92 -40.81
C GLY A 57 11.65 33.64 -40.60
N PRO A 58 11.90 32.65 -41.44
CA PRO A 58 11.15 31.38 -41.35
C PRO A 58 11.36 30.62 -40.05
N GLU A 59 12.60 30.50 -39.60
CA GLU A 59 12.80 29.82 -38.32
C GLU A 59 11.65 30.11 -37.37
N TYR A 60 11.19 31.35 -37.42
CA TYR A 60 10.02 31.80 -36.69
C TYR A 60 8.84 30.92 -37.06
N TRP A 61 8.40 31.03 -38.32
CA TRP A 61 7.23 30.32 -38.79
C TRP A 61 7.28 28.82 -38.51
N GLU A 62 8.44 28.22 -38.69
CA GLU A 62 8.57 26.78 -38.53
C GLU A 62 8.45 26.37 -37.07
N ARG A 63 8.91 27.22 -36.17
CA ARG A 63 8.81 26.94 -34.75
C ARG A 63 7.35 26.91 -34.32
N ILE A 64 6.65 28.00 -34.59
CA ILE A 64 5.25 28.13 -34.21
C ILE A 64 4.42 27.06 -34.92
N THR A 65 4.96 26.53 -36.02
CA THR A 65 4.31 25.48 -36.77
C THR A 65 4.49 24.17 -36.03
N GLN A 66 5.67 23.98 -35.43
CA GLN A 66 5.95 22.81 -34.61
C GLN A 66 4.96 22.72 -33.46
N ILE A 67 4.66 23.89 -32.88
CA ILE A 67 3.66 24.02 -31.84
C ILE A 67 2.31 23.51 -32.31
N ALA A 68 1.97 23.87 -33.54
CA ALA A 68 0.67 23.54 -34.09
C ALA A 68 0.36 22.05 -34.18
N LYS A 69 1.35 21.19 -34.39
CA LYS A 69 1.06 19.75 -34.51
C LYS A 69 0.60 19.23 -33.15
N GLY A 70 1.19 19.76 -32.08
CA GLY A 70 0.88 19.32 -30.74
C GLY A 70 -0.61 19.27 -30.52
N GLN A 71 -1.30 20.31 -30.98
CA GLN A 71 -2.72 20.46 -30.76
C GLN A 71 -3.52 19.38 -31.48
N GLU A 72 -3.02 18.89 -32.61
CA GLU A 72 -3.72 17.86 -33.38
C GLU A 72 -3.88 16.57 -32.62
N GLN A 73 -2.85 16.17 -31.88
CA GLN A 73 -2.96 14.96 -31.08
C GLN A 73 -3.58 15.31 -29.73
N TRP A 74 -3.48 16.57 -29.34
CA TRP A 74 -4.17 16.97 -28.14
C TRP A 74 -5.67 16.95 -28.42
N PHE A 75 -6.11 17.68 -29.43
CA PHE A 75 -7.53 17.74 -29.78
C PHE A 75 -8.10 16.35 -30.01
N ARG A 76 -7.35 15.55 -30.77
CA ARG A 76 -7.75 14.18 -31.08
C ARG A 76 -7.96 13.35 -29.83
N VAL A 77 -7.15 13.61 -28.81
CA VAL A 77 -7.27 12.89 -27.56
C VAL A 77 -8.46 13.37 -26.75
N ASN A 78 -8.56 14.68 -26.58
CA ASN A 78 -9.55 15.24 -25.69
C ASN A 78 -10.95 15.33 -26.28
N LEU A 79 -11.10 15.02 -27.57
CA LEU A 79 -12.42 14.83 -28.15
C LEU A 79 -12.93 13.43 -27.81
N ARG A 80 -12.00 12.50 -27.60
CA ARG A 80 -12.30 11.16 -27.15
C ARG A 80 -12.56 11.11 -25.65
N THR A 81 -12.08 12.12 -24.93
CA THR A 81 -12.31 12.21 -23.50
C THR A 81 -13.72 12.70 -23.20
N LEU A 82 -14.07 13.83 -23.81
CA LEU A 82 -15.38 14.45 -23.62
C LEU A 82 -16.50 13.51 -24.04
N LEU A 83 -16.20 12.69 -25.03
CA LEU A 83 -17.10 11.67 -25.53
C LEU A 83 -17.48 10.70 -24.41
N GLY A 84 -16.49 10.32 -23.62
CA GLY A 84 -16.70 9.39 -22.54
C GLY A 84 -17.43 9.97 -21.35
N TYR A 85 -17.14 11.24 -21.06
CA TYR A 85 -17.81 11.96 -19.97
C TYR A 85 -19.33 11.95 -20.12
N TYR A 86 -19.77 12.29 -21.32
CA TYR A 86 -21.19 12.46 -21.58
C TYR A 86 -21.86 11.16 -22.00
N ASN A 87 -21.05 10.09 -22.09
CA ASN A 87 -21.53 8.81 -22.55
C ASN A 87 -22.12 8.95 -23.95
N GLN A 88 -21.28 9.32 -24.90
CA GLN A 88 -21.70 9.47 -26.29
C GLN A 88 -21.12 8.37 -27.18
N SER A 89 -21.79 8.10 -28.30
CA SER A 89 -21.34 7.05 -29.21
C SER A 89 -20.09 7.47 -29.98
N ALA A 90 -19.39 6.50 -30.53
CA ALA A 90 -18.12 6.72 -31.21
C ALA A 90 -18.30 7.40 -32.57
N GLY A 91 -19.42 7.12 -33.22
CA GLY A 91 -19.66 7.61 -34.56
C GLY A 91 -19.97 9.09 -34.64
N GLY A 92 -19.86 9.78 -33.51
CA GLY A 92 -20.16 11.20 -33.48
C GLY A 92 -19.07 12.04 -34.09
N THR A 93 -19.48 13.16 -34.66
CA THR A 93 -18.54 14.15 -35.19
C THR A 93 -18.72 15.44 -34.42
N HIS A 94 -17.77 15.71 -33.53
CA HIS A 94 -17.87 16.82 -32.58
C HIS A 94 -16.83 17.89 -32.84
N THR A 95 -16.99 19.05 -32.19
CA THR A 95 -16.09 20.18 -32.35
C THR A 95 -15.60 20.66 -30.98
N LEU A 96 -14.31 20.93 -30.87
CA LEU A 96 -13.70 21.39 -29.63
C LEU A 96 -12.96 22.71 -29.81
N GLN A 97 -13.20 23.67 -28.91
CA GLN A 97 -12.62 25.01 -29.08
C GLN A 97 -11.82 25.53 -27.88
N TRP A 98 -10.66 26.09 -28.17
CA TRP A 98 -9.83 26.76 -27.20
C TRP A 98 -9.72 28.21 -27.60
N MET A 99 -10.23 29.10 -26.75
CA MET A 99 -10.09 30.54 -27.01
C MET A 99 -9.28 31.16 -25.88
N TYR A 100 -8.23 31.89 -26.23
CA TYR A 100 -7.42 32.52 -25.19
C TYR A 100 -6.67 33.77 -25.67
N GLY A 101 -6.19 34.54 -24.69
CA GLY A 101 -5.44 35.75 -24.93
C GLY A 101 -5.50 36.67 -23.74
N CYS A 102 -5.01 37.91 -23.91
CA CYS A 102 -4.95 38.86 -22.81
C CYS A 102 -5.27 40.27 -23.29
N ASP A 103 -5.61 41.14 -22.35
CA ASP A 103 -5.83 42.54 -22.70
C ASP A 103 -4.83 43.45 -21.98
N VAL A 104 -4.10 44.23 -22.78
CA VAL A 104 -3.00 45.07 -22.29
C VAL A 104 -3.42 46.54 -22.28
N GLY A 105 -2.98 47.29 -21.28
CA GLY A 105 -3.29 48.71 -21.20
C GLY A 105 -2.45 49.54 -22.15
N SER A 106 -2.57 50.85 -22.06
CA SER A 106 -1.75 51.77 -22.85
C SER A 106 -0.34 51.84 -22.27
N ASP A 107 -0.25 51.61 -20.96
CA ASP A 107 1.00 51.73 -20.24
C ASP A 107 1.84 50.46 -20.28
N GLY A 108 1.29 49.40 -20.85
CA GLY A 108 2.00 48.16 -20.99
C GLY A 108 1.75 47.12 -19.90
N ARG A 109 0.73 47.35 -19.08
CA ARG A 109 0.38 46.39 -18.03
C ARG A 109 -0.68 45.42 -18.50
N LEU A 110 -1.02 44.46 -17.64
CA LEU A 110 -2.05 43.49 -17.97
C LEU A 110 -3.34 43.94 -17.35
N LEU A 111 -4.43 43.80 -18.09
CA LEU A 111 -5.74 44.21 -17.62
C LEU A 111 -6.64 43.00 -17.46
N ARG A 112 -6.60 42.12 -18.46
CA ARG A 112 -7.52 41.00 -18.51
C ARG A 112 -6.93 39.83 -19.31
N GLY A 113 -7.05 38.64 -18.76
CA GLY A 113 -6.56 37.45 -19.43
C GLY A 113 -7.71 36.53 -19.77
N TYR A 114 -7.58 35.79 -20.86
CA TYR A 114 -8.66 34.94 -21.32
C TYR A 114 -8.20 33.51 -21.54
N GLU A 115 -8.90 32.56 -20.91
CA GLU A 115 -8.71 31.14 -21.17
C GLU A 115 -10.05 30.43 -21.01
N GLN A 116 -10.66 30.03 -22.12
CA GLN A 116 -11.94 29.33 -22.03
C GLN A 116 -12.15 28.33 -23.15
N PHE A 117 -13.02 27.37 -22.88
CA PHE A 117 -13.23 26.23 -23.76
C PHE A 117 -14.72 26.03 -24.04
N ALA A 118 -15.01 25.39 -25.17
CA ALA A 118 -16.38 25.11 -25.58
C ALA A 118 -16.46 23.75 -26.28
N TYR A 119 -17.48 22.99 -25.93
CA TYR A 119 -17.70 21.68 -26.54
C TYR A 119 -18.93 21.72 -27.44
N ASP A 120 -18.70 21.48 -28.74
CA ASP A 120 -19.74 21.47 -29.75
C ASP A 120 -20.48 22.80 -29.87
N GLY A 121 -19.82 23.89 -29.54
CA GLY A 121 -20.38 25.20 -29.81
C GLY A 121 -20.95 25.92 -28.61
N CYS A 122 -21.17 25.18 -27.53
CA CYS A 122 -21.65 25.78 -26.29
C CYS A 122 -20.49 25.91 -25.30
N ASP A 123 -20.53 26.95 -24.48
CA ASP A 123 -19.44 27.22 -23.55
C ASP A 123 -19.27 26.05 -22.59
N TYR A 124 -18.03 25.68 -22.32
CA TYR A 124 -17.76 24.52 -21.46
C TYR A 124 -17.16 24.88 -20.12
N ILE A 125 -16.00 25.54 -20.15
CA ILE A 125 -15.34 25.98 -18.93
C ILE A 125 -14.60 27.28 -19.21
N ALA A 126 -14.46 28.12 -18.20
CA ALA A 126 -13.89 29.45 -18.39
C ALA A 126 -13.12 29.91 -17.17
N LEU A 127 -12.08 30.71 -17.41
CA LEU A 127 -11.26 31.22 -16.33
C LEU A 127 -11.73 32.59 -15.84
N ASN A 128 -12.10 32.66 -14.57
CA ASN A 128 -12.59 33.90 -13.99
C ASN A 128 -11.52 34.97 -13.88
N GLU A 129 -11.94 36.18 -13.53
CA GLU A 129 -11.07 37.35 -13.62
C GLU A 129 -10.10 37.48 -12.45
N ASP A 130 -10.32 36.73 -11.37
CA ASP A 130 -9.31 36.65 -10.32
C ASP A 130 -8.18 35.77 -10.85
N LEU A 131 -8.46 35.10 -11.96
CA LEU A 131 -7.49 34.31 -12.71
C LEU A 131 -6.93 33.10 -11.94
N ARG A 132 -7.61 32.71 -10.86
CA ARG A 132 -7.21 31.52 -10.11
C ARG A 132 -8.39 30.59 -9.91
N THR A 133 -9.55 31.00 -10.42
CA THR A 133 -10.77 30.21 -10.28
C THR A 133 -11.48 29.98 -11.61
N TRP A 134 -12.14 28.84 -11.74
CA TRP A 134 -12.87 28.52 -12.95
C TRP A 134 -14.37 28.56 -12.65
N THR A 135 -15.15 28.77 -13.70
CA THR A 135 -16.60 28.67 -13.63
C THR A 135 -16.95 27.49 -14.53
N ALA A 136 -17.70 26.53 -14.00
CA ALA A 136 -18.05 25.34 -14.77
C ALA A 136 -19.49 25.40 -15.26
N ALA A 137 -19.71 24.95 -16.49
CA ALA A 137 -21.01 25.02 -17.13
C ALA A 137 -21.91 23.88 -16.69
N ASP A 138 -21.51 22.64 -17.00
CA ASP A 138 -22.32 21.48 -16.68
C ASP A 138 -21.61 20.54 -15.71
N MET A 139 -22.28 19.46 -15.32
CA MET A 139 -21.75 18.54 -14.31
C MET A 139 -20.52 17.77 -14.79
N ALA A 140 -20.41 17.56 -16.10
CA ALA A 140 -19.25 16.90 -16.67
C ALA A 140 -18.08 17.88 -16.83
N ALA A 141 -18.36 19.15 -16.56
CA ALA A 141 -17.36 20.21 -16.57
C ALA A 141 -16.86 20.51 -15.16
N GLN A 142 -17.46 19.83 -14.20
CA GLN A 142 -17.08 20.03 -12.83
C GLN A 142 -15.96 19.07 -12.55
N ILE A 143 -15.84 18.06 -13.40
CA ILE A 143 -14.73 17.11 -13.33
C ILE A 143 -13.45 17.78 -13.77
N THR A 144 -13.53 18.47 -14.91
CA THR A 144 -12.38 19.17 -15.45
C THR A 144 -11.90 20.18 -14.43
N ARG A 145 -12.86 20.96 -13.95
CA ARG A 145 -12.60 21.97 -12.94
C ARG A 145 -12.02 21.33 -11.68
N ARG A 146 -12.55 20.19 -11.29
CA ARG A 146 -12.05 19.47 -10.11
C ARG A 146 -10.58 19.15 -10.25
N LYS A 147 -10.23 18.53 -11.37
CA LYS A 147 -8.86 18.15 -11.64
C LYS A 147 -7.98 19.38 -11.71
N TRP A 148 -8.45 20.37 -12.47
CA TRP A 148 -7.66 21.53 -12.81
C TRP A 148 -7.39 22.45 -11.64
N GLU A 149 -8.34 22.53 -10.72
CA GLU A 149 -8.21 23.47 -9.63
C GLU A 149 -7.32 22.94 -8.52
N GLN A 150 -7.41 21.65 -8.21
CA GLN A 150 -6.59 21.09 -7.15
C GLN A 150 -5.14 20.97 -7.59
N ALA A 151 -4.94 20.75 -8.88
CA ALA A 151 -3.61 20.53 -9.42
C ALA A 151 -2.98 21.82 -9.89
N GLY A 152 -3.74 22.91 -9.76
CA GLY A 152 -3.24 24.24 -10.08
C GLY A 152 -3.11 24.53 -11.55
N ALA A 153 -4.24 24.51 -12.26
CA ALA A 153 -4.22 24.75 -13.70
C ALA A 153 -3.86 26.19 -14.03
N ALA A 154 -4.43 27.13 -13.28
CA ALA A 154 -4.26 28.56 -13.56
C ALA A 154 -2.80 29.00 -13.61
N GLU A 155 -2.02 28.57 -12.60
CA GLU A 155 -0.62 28.95 -12.50
C GLU A 155 0.16 28.61 -13.76
N TYR A 156 -0.14 27.46 -14.35
CA TYR A 156 0.50 27.07 -15.59
C TYR A 156 0.14 28.07 -16.68
N TYR A 157 -1.15 28.36 -16.81
CA TYR A 157 -1.65 29.19 -17.89
C TYR A 157 -1.22 30.65 -17.74
N ARG A 158 -1.04 31.10 -16.50
CA ARG A 158 -0.58 32.47 -16.22
C ARG A 158 0.79 32.72 -16.83
N ALA A 159 1.56 31.66 -17.02
CA ALA A 159 2.91 31.79 -17.60
C ALA A 159 2.86 32.47 -18.96
N TYR A 160 1.99 31.98 -19.84
CA TYR A 160 1.82 32.59 -21.15
C TYR A 160 1.29 34.01 -21.04
N LEU A 161 0.17 34.13 -20.34
CA LEU A 161 -0.57 35.38 -20.22
C LEU A 161 0.25 36.51 -19.59
N GLU A 162 0.92 36.21 -18.48
CA GLU A 162 1.76 37.20 -17.81
C GLU A 162 3.05 37.45 -18.58
N GLY A 163 3.53 36.43 -19.28
CA GLY A 163 4.81 36.54 -19.96
C GLY A 163 4.70 36.69 -21.46
N GLU A 164 4.65 35.57 -22.16
CA GLU A 164 4.81 35.58 -23.61
C GLU A 164 3.72 36.36 -24.33
N CYS A 165 2.56 36.47 -23.72
CA CYS A 165 1.43 37.15 -24.34
C CYS A 165 1.72 38.64 -24.49
N VAL A 166 2.13 39.28 -23.39
CA VAL A 166 2.33 40.74 -23.40
C VAL A 166 3.61 41.10 -24.15
N GLU A 167 4.62 40.24 -24.07
CA GLU A 167 5.86 40.44 -24.80
C GLU A 167 5.64 40.40 -26.30
N TRP A 168 4.99 39.32 -26.76
CA TRP A 168 4.77 39.12 -28.18
C TRP A 168 3.72 40.05 -28.75
N LEU A 169 2.82 40.54 -27.90
CA LEU A 169 1.87 41.54 -28.36
C LEU A 169 2.63 42.81 -28.71
N HIS A 170 3.56 43.19 -27.84
CA HIS A 170 4.36 44.38 -28.05
C HIS A 170 5.13 44.27 -29.35
N ARG A 171 5.85 43.16 -29.51
CA ARG A 171 6.63 42.91 -30.71
C ARG A 171 5.80 43.00 -31.99
N TYR A 172 4.59 42.45 -31.96
CA TYR A 172 3.69 42.48 -33.11
C TYR A 172 3.25 43.90 -33.47
N LEU A 173 3.04 44.74 -32.45
CA LEU A 173 2.59 46.12 -32.62
C LEU A 173 3.70 47.06 -33.07
N LYS A 174 4.93 46.55 -33.11
CA LYS A 174 6.10 47.35 -33.43
C LYS A 174 6.15 47.83 -34.91
N ASN A 175 5.05 47.68 -35.63
CA ASN A 175 4.96 48.26 -36.97
C ASN A 175 3.97 49.42 -37.04
N GLY A 176 4.50 50.61 -37.31
CA GLY A 176 3.68 51.81 -37.38
C GLY A 176 3.14 52.22 -36.03
N MET B 1 2.28 34.92 -30.26
CA MET B 1 2.68 33.52 -30.26
C MET B 1 1.58 32.63 -29.70
N PRO B 2 1.31 31.48 -30.35
CA PRO B 2 0.33 30.56 -29.76
C PRO B 2 0.85 29.94 -28.46
N ALA B 3 -0.06 29.52 -27.59
CA ALA B 3 0.35 28.84 -26.36
C ALA B 3 0.64 27.40 -26.71
N GLY B 4 1.25 26.65 -25.80
CA GLY B 4 1.60 25.28 -26.10
C GLY B 4 0.41 24.36 -25.97
N ARG B 5 0.64 23.18 -25.40
CA ARG B 5 -0.45 22.26 -25.15
C ARG B 5 -0.98 22.44 -23.75
N PRO B 6 -2.29 22.64 -23.63
CA PRO B 6 -2.95 22.78 -22.33
C PRO B 6 -3.02 21.45 -21.62
N TRP B 7 -3.73 21.41 -20.50
CA TRP B 7 -3.79 20.21 -19.68
C TRP B 7 -4.76 19.16 -20.21
N ASP B 8 -4.55 17.91 -19.83
CA ASP B 8 -5.52 16.87 -20.14
C ASP B 8 -6.81 17.14 -19.37
N LEU B 9 -7.94 16.71 -19.93
CA LEU B 9 -9.24 16.92 -19.29
C LEU B 9 -9.65 15.72 -18.42
N ALA C 5 20.98 19.93 -24.92
CA ALA C 5 19.88 20.89 -24.88
C ALA C 5 19.37 21.09 -23.46
N GLN C 6 19.09 19.99 -22.78
CA GLN C 6 18.57 20.05 -21.43
C GLN C 6 19.26 19.04 -20.53
N SER C 7 20.01 19.58 -19.57
CA SER C 7 20.70 18.79 -18.57
C SER C 7 20.25 19.26 -17.19
N VAL C 8 20.44 18.41 -16.19
CA VAL C 8 20.15 18.80 -14.83
C VAL C 8 21.35 18.39 -13.98
N THR C 9 21.83 19.28 -13.13
CA THR C 9 23.03 18.99 -12.35
C THR C 9 22.78 19.17 -10.86
N GLN C 10 22.97 18.10 -10.11
CA GLN C 10 22.95 18.16 -8.66
C GLN C 10 24.38 18.02 -8.17
N PRO C 11 24.85 19.02 -7.41
CA PRO C 11 26.24 19.09 -6.97
C PRO C 11 26.62 17.91 -6.09
N ASP C 12 25.93 17.73 -4.99
CA ASP C 12 26.31 16.70 -4.04
C ASP C 12 25.35 15.50 -4.07
N ALA C 13 25.88 14.34 -4.44
CA ALA C 13 25.13 13.10 -4.45
C ALA C 13 25.21 12.45 -3.08
N ARG C 14 25.71 13.21 -2.11
CA ARG C 14 25.88 12.74 -0.75
C ARG C 14 25.75 13.88 0.25
N VAL C 15 24.79 13.74 1.17
CA VAL C 15 24.54 14.76 2.18
C VAL C 15 24.23 14.05 3.50
N THR C 16 24.70 14.61 4.62
CA THR C 16 24.39 14.05 5.93
C THR C 16 24.03 15.19 6.88
N VAL C 17 22.86 15.10 7.51
CA VAL C 17 22.32 16.21 8.27
C VAL C 17 21.72 15.76 9.61
N SER C 18 22.02 16.49 10.68
CA SER C 18 21.46 16.16 11.98
C SER C 18 20.00 16.60 12.02
N GLU C 19 19.19 16.04 12.90
CA GLU C 19 17.79 16.47 12.99
C GLU C 19 17.69 17.94 13.33
N GLY C 20 16.65 18.60 12.82
CA GLY C 20 16.40 19.99 13.16
C GLY C 20 17.31 20.90 12.36
N ALA C 21 18.48 20.38 12.01
CA ALA C 21 19.48 21.15 11.32
C ALA C 21 18.89 21.58 10.00
N SER C 22 19.34 22.73 9.51
CA SER C 22 18.89 23.17 8.21
C SER C 22 19.50 22.29 7.15
N LEU C 23 18.86 22.30 5.99
CA LEU C 23 19.29 21.49 4.88
C LEU C 23 19.15 22.31 3.62
N GLN C 24 20.04 22.08 2.66
CA GLN C 24 19.88 22.70 1.37
C GLN C 24 20.40 21.77 0.30
N LEU C 25 19.47 21.22 -0.46
CA LEU C 25 19.82 20.44 -1.62
C LEU C 25 19.74 21.38 -2.80
N ARG C 26 20.62 21.18 -3.75
CA ARG C 26 20.76 22.15 -4.81
C ARG C 26 20.51 21.55 -6.18
N CYS C 27 19.92 22.35 -7.05
CA CYS C 27 19.63 21.94 -8.39
C CYS C 27 19.90 23.12 -9.31
N LYS C 28 20.89 22.95 -10.17
CA LYS C 28 21.18 23.91 -11.22
C LYS C 28 20.86 23.20 -12.52
N TYR C 29 20.17 23.89 -13.43
CA TYR C 29 19.64 23.25 -14.62
C TYR C 29 20.16 23.89 -15.90
N SER C 30 19.90 23.25 -17.04
CA SER C 30 20.34 23.78 -18.33
C SER C 30 19.44 24.89 -18.85
N TYR C 31 20.05 25.84 -19.57
CA TYR C 31 19.44 27.09 -19.99
C TYR C 31 18.17 27.00 -20.86
N SER C 32 17.27 27.96 -20.65
CA SER C 32 16.25 28.36 -21.62
C SER C 32 15.13 27.36 -21.90
N ALA C 33 14.01 27.87 -22.41
CA ALA C 33 13.67 29.29 -22.27
C ALA C 33 12.77 29.45 -21.06
N THR C 34 11.67 28.72 -21.11
CA THR C 34 10.66 28.70 -20.06
C THR C 34 10.58 27.29 -19.48
N PRO C 35 11.45 27.01 -18.50
CA PRO C 35 11.53 25.66 -17.90
C PRO C 35 10.50 25.41 -16.82
N TYR C 36 10.04 24.17 -16.72
CA TYR C 36 9.10 23.76 -15.69
C TYR C 36 9.86 22.94 -14.67
N LEU C 37 9.70 23.26 -13.40
CA LEU C 37 10.64 22.79 -12.39
C LEU C 37 10.00 21.99 -11.28
N PHE C 38 10.63 20.88 -10.91
CA PHE C 38 10.04 19.99 -9.93
C PHE C 38 11.04 19.41 -8.95
N TRP C 39 10.52 18.93 -7.81
CA TRP C 39 11.31 18.15 -6.87
C TRP C 39 10.58 16.86 -6.54
N TYR C 40 11.29 15.76 -6.71
CA TYR C 40 10.75 14.44 -6.45
C TYR C 40 11.50 13.75 -5.35
N VAL C 41 10.86 12.79 -4.71
CA VAL C 41 11.49 12.08 -3.61
C VAL C 41 11.22 10.58 -3.73
N GLN C 42 12.26 9.78 -3.49
CA GLN C 42 12.19 8.34 -3.59
C GLN C 42 12.43 7.70 -2.25
N TYR C 43 11.38 7.10 -1.69
CA TYR C 43 11.48 6.47 -0.37
C TYR C 43 12.31 5.20 -0.45
N PRO C 44 12.80 4.74 0.72
CA PRO C 44 13.49 3.46 0.84
C PRO C 44 12.71 2.34 0.17
N ARG C 45 13.34 1.62 -0.75
CA ARG C 45 12.74 0.46 -1.40
C ARG C 45 11.49 0.80 -2.23
N GLN C 46 11.25 2.09 -2.43
CA GLN C 46 10.06 2.56 -3.15
C GLN C 46 10.38 3.26 -4.47
N GLY C 47 9.33 3.78 -5.09
CA GLY C 47 9.47 4.62 -6.27
C GLY C 47 9.44 6.08 -5.90
N LEU C 48 9.46 6.94 -6.91
CA LEU C 48 9.40 8.37 -6.70
C LEU C 48 7.98 8.88 -6.42
N GLN C 49 7.90 10.08 -5.89
CA GLN C 49 6.64 10.76 -5.76
C GLN C 49 6.91 12.25 -5.80
N MET C 50 6.02 13.01 -6.41
CA MET C 50 6.22 14.44 -6.51
C MET C 50 6.20 15.07 -5.13
N LEU C 51 7.13 15.99 -4.90
CA LEU C 51 7.19 16.72 -3.63
C LEU C 51 6.75 18.17 -3.82
N LEU C 52 7.30 18.82 -4.84
CA LEU C 52 7.04 20.23 -5.13
C LEU C 52 6.99 20.50 -6.62
N LYS C 53 6.23 21.51 -7.01
CA LYS C 53 6.09 21.89 -8.41
C LYS C 53 6.08 23.41 -8.56
N TYR C 54 6.68 23.88 -9.64
CA TYR C 54 6.64 25.29 -9.98
C TYR C 54 6.36 25.51 -11.46
N TYR C 55 5.32 26.29 -11.74
CA TYR C 55 4.99 26.65 -13.12
C TYR C 55 5.22 28.15 -13.40
N SER C 56 4.66 29.01 -12.55
CA SER C 56 4.86 30.45 -12.68
C SER C 56 4.48 31.20 -11.41
N GLY C 57 4.84 32.48 -11.33
CA GLY C 57 4.43 33.30 -10.20
C GLY C 57 5.54 33.52 -9.19
N ASP C 58 5.15 33.58 -7.92
CA ASP C 58 6.07 33.75 -6.80
C ASP C 58 7.14 32.68 -6.86
N PRO C 59 8.42 33.08 -6.87
CA PRO C 59 9.52 32.13 -7.03
C PRO C 59 9.69 31.15 -5.86
N VAL C 60 9.04 31.39 -4.74
CA VAL C 60 9.19 30.50 -3.58
C VAL C 60 7.97 29.60 -3.45
N VAL C 61 8.16 28.31 -3.70
CA VAL C 61 7.05 27.37 -3.66
C VAL C 61 7.17 26.53 -2.39
N GLN C 62 6.14 26.55 -1.55
CA GLN C 62 6.24 25.91 -0.24
C GLN C 62 5.56 24.55 -0.18
N GLY C 63 6.17 23.63 0.55
CA GLY C 63 5.59 22.31 0.77
C GLY C 63 4.89 22.26 2.11
N VAL C 64 3.89 21.40 2.20
CA VAL C 64 3.05 21.31 3.38
C VAL C 64 3.83 20.74 4.57
N ASN C 65 4.77 19.84 4.26
CA ASN C 65 5.52 19.14 5.30
C ASN C 65 6.85 19.80 5.67
N GLY C 66 7.00 21.08 5.32
CA GLY C 66 8.15 21.86 5.76
C GLY C 66 9.20 22.12 4.69
N PHE C 67 9.11 21.40 3.58
CA PHE C 67 9.98 21.67 2.45
C PHE C 67 9.52 22.91 1.72
N GLU C 68 10.46 23.61 1.11
CA GLU C 68 10.13 24.73 0.25
C GLU C 68 11.28 24.91 -0.72
N ALA C 69 10.99 25.42 -1.90
CA ALA C 69 12.00 25.58 -2.92
C ALA C 69 11.92 26.96 -3.54
N GLU C 70 13.06 27.47 -3.99
CA GLU C 70 13.05 28.77 -4.65
C GLU C 70 13.71 28.70 -6.02
N PHE C 71 13.00 29.24 -7.00
CA PHE C 71 13.45 29.28 -8.37
C PHE C 71 14.04 30.65 -8.67
N SER C 72 15.24 30.68 -9.23
CA SER C 72 15.89 31.92 -9.57
C SER C 72 16.21 31.96 -11.06
N LYS C 73 15.50 32.80 -11.80
CA LYS C 73 15.69 32.91 -13.24
C LYS C 73 17.11 33.34 -13.54
N SER C 74 17.61 34.27 -12.72
CA SER C 74 18.96 34.80 -12.89
C SER C 74 20.00 33.73 -12.63
N ASP C 75 19.99 33.18 -11.42
CA ASP C 75 20.94 32.16 -10.99
C ASP C 75 20.67 30.83 -11.69
N SER C 76 19.48 30.69 -12.28
CA SER C 76 19.06 29.48 -12.98
C SER C 76 19.11 28.24 -12.09
N SER C 77 18.27 28.20 -11.06
CA SER C 77 18.32 27.11 -10.11
C SER C 77 16.97 26.82 -9.46
N PHE C 78 16.86 25.66 -8.81
CA PHE C 78 15.66 25.29 -8.08
C PHE C 78 16.08 24.54 -6.82
N HIS C 79 16.24 25.25 -5.72
CA HIS C 79 16.86 24.68 -4.53
C HIS C 79 15.86 24.26 -3.48
N LEU C 80 16.15 23.16 -2.80
CA LEU C 80 15.24 22.64 -1.80
C LEU C 80 15.76 22.96 -0.41
N ARG C 81 14.89 23.46 0.45
CA ARG C 81 15.27 23.87 1.80
C ARG C 81 14.31 23.35 2.84
N LYS C 82 14.86 22.98 3.99
CA LYS C 82 14.04 22.66 5.15
C LYS C 82 14.70 23.24 6.39
N ALA C 83 13.92 23.93 7.21
CA ALA C 83 14.45 24.56 8.42
C ALA C 83 14.82 23.50 9.44
N SER C 84 13.84 22.69 9.82
CA SER C 84 14.10 21.57 10.72
C SER C 84 13.93 20.25 9.97
N VAL C 85 14.94 19.40 10.04
CA VAL C 85 14.90 18.11 9.35
C VAL C 85 14.52 16.98 10.31
N HIS C 86 13.58 16.13 9.90
CA HIS C 86 13.18 14.98 10.71
C HIS C 86 13.71 13.68 10.13
N TRP C 87 13.80 12.66 10.98
CA TRP C 87 14.35 11.40 10.54
C TRP C 87 13.54 10.73 9.46
N SER C 88 12.25 11.00 9.42
CA SER C 88 11.40 10.39 8.41
C SER C 88 11.76 10.94 7.02
N ASP C 89 12.52 12.02 7.00
CA ASP C 89 12.91 12.68 5.76
C ASP C 89 14.06 11.97 5.05
N SER C 90 14.59 10.92 5.67
CA SER C 90 15.70 10.19 5.07
C SER C 90 15.24 9.52 3.79
N ALA C 91 15.68 10.05 2.64
CA ALA C 91 15.26 9.54 1.35
C ALA C 91 16.11 10.11 0.22
N VAL C 92 15.80 9.73 -1.01
CA VAL C 92 16.49 10.26 -2.19
C VAL C 92 15.66 11.40 -2.79
N TYR C 93 16.31 12.45 -3.28
CA TYR C 93 15.59 13.60 -3.78
C TYR C 93 16.02 13.97 -5.19
N PHE C 94 15.08 13.91 -6.12
CA PHE C 94 15.39 14.26 -7.50
C PHE C 94 14.80 15.61 -7.82
N CYS C 95 15.49 16.37 -8.63
CA CYS C 95 14.91 17.58 -9.16
C CYS C 95 14.75 17.37 -10.63
N ALA C 96 13.67 17.89 -11.20
CA ALA C 96 13.34 17.60 -12.59
C ALA C 96 12.92 18.86 -13.33
N VAL C 97 13.16 18.86 -14.64
CA VAL C 97 12.82 19.98 -15.49
C VAL C 97 12.13 19.53 -16.76
N SER C 98 11.37 20.41 -17.38
CA SER C 98 10.85 20.20 -18.72
C SER C 98 10.52 21.56 -19.31
N ALA C 99 10.66 21.73 -20.61
CA ALA C 99 10.47 23.05 -21.21
C ALA C 99 9.25 23.09 -22.12
N LYS C 100 9.05 24.21 -22.79
CA LYS C 100 7.96 24.34 -23.75
C LYS C 100 8.22 23.45 -24.96
N GLY C 101 7.18 22.80 -25.47
CA GLY C 101 7.34 21.88 -26.58
C GLY C 101 7.76 20.52 -26.08
N THR C 102 8.28 20.51 -24.86
CA THR C 102 8.73 19.28 -24.21
C THR C 102 8.04 19.18 -22.86
N GLY C 103 6.82 19.71 -22.78
CA GLY C 103 6.10 19.81 -21.54
C GLY C 103 5.91 18.51 -20.78
N SER C 104 5.76 17.41 -21.51
CA SER C 104 5.53 16.14 -20.85
C SER C 104 6.77 15.29 -20.87
N LYS C 105 7.91 15.88 -21.16
CA LYS C 105 9.15 15.11 -21.16
C LYS C 105 10.11 15.65 -20.12
N LEU C 106 10.17 14.97 -18.97
CA LEU C 106 10.98 15.42 -17.83
C LEU C 106 12.43 14.98 -17.95
N SER C 107 13.33 15.89 -17.61
CA SER C 107 14.74 15.54 -17.52
C SER C 107 15.11 15.47 -16.04
N PHE C 108 15.46 14.28 -15.57
CA PHE C 108 15.70 14.11 -14.15
C PHE C 108 17.12 14.42 -13.76
N GLY C 109 17.23 15.04 -12.60
CA GLY C 109 18.51 15.29 -12.01
C GLY C 109 19.13 13.99 -11.59
N LYS C 110 20.38 14.12 -11.16
CA LYS C 110 21.24 13.00 -10.82
C LYS C 110 20.80 12.19 -9.61
N GLY C 111 20.21 12.87 -8.64
CA GLY C 111 19.76 12.27 -7.40
C GLY C 111 20.73 12.53 -6.28
N ALA C 112 20.21 12.63 -5.06
CA ALA C 112 21.02 12.92 -3.88
C ALA C 112 20.48 12.19 -2.64
N LYS C 113 21.28 11.29 -2.09
CA LYS C 113 20.88 10.51 -0.91
C LYS C 113 21.04 11.30 0.40
N LEU C 114 19.98 11.32 1.19
CA LEU C 114 19.98 12.08 2.44
C LEU C 114 20.02 11.18 3.66
N THR C 115 21.10 11.31 4.42
CA THR C 115 21.27 10.57 5.66
C THR C 115 21.04 11.47 6.86
N VAL C 116 19.89 11.33 7.51
CA VAL C 116 19.60 12.13 8.69
C VAL C 116 20.25 11.45 9.90
N SER C 117 21.30 12.06 10.43
CA SER C 117 22.00 11.50 11.58
C SER C 117 21.05 11.54 12.76
N PRO C 118 20.76 10.38 13.37
CA PRO C 118 19.83 10.36 14.51
C PRO C 118 20.40 10.97 15.78
N ASN C 119 19.59 11.73 16.52
CA ASN C 119 20.03 12.33 17.78
C ASN C 119 19.66 11.48 18.99
N ILE C 120 20.63 10.75 19.50
CA ILE C 120 20.47 9.94 20.69
C ILE C 120 21.10 10.66 21.89
N GLN C 121 20.36 10.69 22.99
CA GLN C 121 20.79 11.45 24.15
C GLN C 121 21.68 10.62 25.08
N ASN C 122 21.50 9.31 25.09
CA ASN C 122 22.26 8.48 25.99
C ASN C 122 23.13 7.42 25.31
N PRO C 123 24.13 7.84 24.53
CA PRO C 123 24.99 6.85 23.87
C PRO C 123 25.94 6.19 24.86
N ASP C 124 26.07 4.86 24.81
CA ASP C 124 27.06 4.18 25.63
C ASP C 124 27.81 3.16 24.80
N PRO C 125 28.71 3.63 23.93
CA PRO C 125 29.44 2.82 22.95
C PRO C 125 30.08 1.59 23.56
N ALA C 126 29.89 0.45 22.89
CA ALA C 126 30.42 -0.82 23.35
C ALA C 126 30.47 -1.78 22.17
N VAL C 127 31.28 -2.83 22.28
CA VAL C 127 31.41 -3.79 21.20
C VAL C 127 31.33 -5.22 21.73
N TYR C 128 30.48 -6.05 21.12
CA TYR C 128 30.37 -7.45 21.53
C TYR C 128 30.49 -8.38 20.32
N GLN C 129 30.87 -9.63 20.58
CA GLN C 129 31.05 -10.65 19.55
C GLN C 129 30.04 -11.80 19.69
N LEU C 130 29.19 -11.99 18.68
CA LEU C 130 28.06 -12.91 18.77
C LEU C 130 28.40 -14.32 18.33
N ARG C 131 27.84 -15.30 19.02
CA ARG C 131 28.08 -16.70 18.70
C ARG C 131 26.94 -17.23 17.85
N ASP C 132 27.24 -18.17 16.97
CA ASP C 132 26.23 -18.71 16.07
C ASP C 132 25.22 -19.53 16.85
N SER C 133 23.98 -19.55 16.34
CA SER C 133 22.91 -20.34 16.92
C SER C 133 23.23 -21.82 16.78
N LYS C 134 23.43 -22.25 15.54
CA LYS C 134 23.78 -23.63 15.23
C LYS C 134 25.17 -23.99 15.77
N SER C 135 26.20 -23.35 15.22
CA SER C 135 27.58 -23.64 15.58
C SER C 135 27.93 -23.09 16.95
N SER C 136 28.30 -23.99 17.86
CA SER C 136 28.71 -23.61 19.19
C SER C 136 30.25 -23.60 19.27
N SER C 139 31.84 -16.98 14.61
CA SER C 139 31.29 -15.88 15.39
C SER C 139 31.43 -14.56 14.64
N VAL C 140 30.85 -13.49 15.18
CA VAL C 140 30.79 -12.17 14.53
C VAL C 140 30.81 -11.04 15.57
N CYS C 141 31.45 -9.92 15.26
CA CYS C 141 31.53 -8.81 16.19
C CYS C 141 30.59 -7.69 15.78
N LEU C 142 30.00 -7.02 16.76
CA LEU C 142 29.12 -5.89 16.45
C LEU C 142 29.50 -4.63 17.22
N PHE C 143 29.08 -3.48 16.71
CA PHE C 143 29.32 -2.21 17.38
C PHE C 143 28.03 -1.38 17.33
N THR C 144 27.49 -1.04 18.49
CA THR C 144 26.17 -0.40 18.59
C THR C 144 26.14 0.70 19.64
N ASP C 145 24.99 1.33 19.85
CA ASP C 145 24.82 2.12 21.05
C ASP C 145 25.95 3.13 21.17
N PHE C 146 26.49 3.57 20.04
CA PHE C 146 27.42 4.68 19.99
C PHE C 146 26.68 5.94 19.53
N ASP C 147 27.36 7.08 19.54
CA ASP C 147 26.70 8.32 19.16
C ASP C 147 26.70 8.51 17.64
N SER C 148 25.87 9.43 17.17
CA SER C 148 25.76 9.70 15.74
C SER C 148 27.04 10.30 15.16
N GLN C 149 27.74 11.09 15.97
CA GLN C 149 28.88 11.85 15.47
C GLN C 149 30.07 10.96 15.10
N THR C 150 30.26 9.83 15.80
CA THR C 150 31.36 8.94 15.42
C THR C 150 31.06 8.37 14.04
N ASN C 151 32.11 7.95 13.35
CA ASN C 151 32.02 7.52 11.95
C ASN C 151 32.73 6.19 11.76
N VAL C 152 31.99 5.19 11.28
CA VAL C 152 32.52 3.85 11.15
C VAL C 152 33.68 3.82 10.15
N SER C 153 34.73 3.09 10.52
CA SER C 153 35.96 3.06 9.72
C SER C 153 36.23 1.68 9.15
N GLN C 154 36.60 1.64 7.87
CA GLN C 154 36.81 0.39 7.15
C GLN C 154 37.91 -0.46 7.78
N SER C 155 37.90 -1.75 7.46
CA SER C 155 38.87 -2.70 7.98
C SER C 155 40.25 -2.33 7.48
N LYS C 156 41.17 -2.12 8.42
CA LYS C 156 42.56 -1.90 8.08
C LYS C 156 43.14 -3.21 7.55
N ASP C 157 42.65 -4.32 8.09
CA ASP C 157 43.16 -5.63 7.72
C ASP C 157 42.77 -5.95 6.28
N SER C 158 41.53 -5.61 5.92
CA SER C 158 41.00 -5.89 4.60
C SER C 158 41.06 -7.39 4.29
N ASP C 159 41.35 -8.19 5.31
CA ASP C 159 41.13 -9.62 5.31
C ASP C 159 39.87 -9.82 6.14
N VAL C 160 39.35 -8.69 6.61
CA VAL C 160 38.30 -8.66 7.61
C VAL C 160 37.22 -7.75 7.06
N TYR C 161 35.96 -8.04 7.39
CA TYR C 161 34.84 -7.32 6.82
C TYR C 161 34.20 -6.40 7.85
N ILE C 162 33.66 -5.28 7.41
CA ILE C 162 33.06 -4.32 8.34
C ILE C 162 32.01 -3.50 7.63
N THR C 163 30.84 -3.38 8.27
CA THR C 163 29.75 -2.61 7.70
C THR C 163 29.59 -1.30 8.47
N ASP C 164 29.31 -0.24 7.73
CA ASP C 164 29.14 1.08 8.32
C ASP C 164 27.91 1.12 9.21
N LYS C 165 27.78 2.21 9.98
CA LYS C 165 26.72 2.31 10.98
C LYS C 165 25.34 2.14 10.36
N CYS C 166 24.45 1.50 11.12
CA CYS C 166 23.09 1.29 10.69
C CYS C 166 22.16 1.68 11.82
N VAL C 167 21.35 2.70 11.57
CA VAL C 167 20.41 3.15 12.58
C VAL C 167 19.20 2.20 12.62
N LEU C 168 18.89 1.71 13.82
CA LEU C 168 17.67 0.91 14.06
C LEU C 168 16.83 1.61 15.11
N ASP C 169 15.51 1.41 15.07
CA ASP C 169 14.59 2.10 15.98
C ASP C 169 13.56 1.15 16.56
N MET C 170 13.32 1.25 17.87
CA MET C 170 12.25 0.48 18.49
C MET C 170 11.06 1.39 18.73
N ARG C 171 10.08 1.32 17.84
CA ARG C 171 8.90 2.17 17.94
C ARG C 171 8.08 1.90 19.19
N SER C 172 8.11 0.66 19.67
CA SER C 172 7.40 0.28 20.89
C SER C 172 7.77 1.17 22.08
N MET C 173 9.01 1.63 22.11
CA MET C 173 9.55 2.37 23.25
C MET C 173 10.22 3.67 22.87
N ASP C 174 10.03 4.08 21.61
CA ASP C 174 10.65 5.27 21.04
C ASP C 174 12.14 5.34 21.36
N PHE C 175 12.87 4.41 20.76
CA PHE C 175 14.29 4.28 21.03
C PHE C 175 15.07 3.96 19.79
N LYS C 176 15.99 4.84 19.43
CA LYS C 176 16.80 4.62 18.26
C LYS C 176 18.22 4.27 18.56
N SER C 177 18.82 3.54 17.64
CA SER C 177 20.21 3.20 17.81
C SER C 177 20.98 2.84 16.55
N ASN C 178 22.19 3.39 16.44
CA ASN C 178 23.06 3.06 15.33
C ASN C 178 23.64 1.67 15.56
N SER C 179 24.21 1.06 14.52
CA SER C 179 24.75 -0.28 14.64
C SER C 179 25.83 -0.51 13.59
N ALA C 180 26.91 -1.17 13.99
CA ALA C 180 28.00 -1.49 13.07
C ALA C 180 28.51 -2.89 13.34
N VAL C 181 28.91 -3.59 12.29
CA VAL C 181 29.28 -4.99 12.43
C VAL C 181 30.57 -5.35 11.71
N ALA C 182 31.44 -6.08 12.40
CA ALA C 182 32.68 -6.55 11.79
C ALA C 182 32.83 -8.05 12.02
N TRP C 183 33.54 -8.72 11.10
CA TRP C 183 33.65 -10.18 11.14
C TRP C 183 34.63 -10.72 10.10
N SER C 184 35.02 -11.98 10.27
CA SER C 184 35.80 -12.69 9.25
C SER C 184 35.74 -14.19 9.45
N ASN C 185 36.45 -14.90 8.59
CA ASN C 185 36.52 -16.34 8.64
C ASN C 185 37.67 -16.81 9.52
N LYS C 186 38.61 -15.90 9.77
CA LYS C 186 39.82 -16.21 10.52
C LYS C 186 39.46 -16.77 11.90
N SER C 187 40.11 -17.88 12.26
CA SER C 187 39.87 -18.53 13.54
C SER C 187 40.18 -17.60 14.71
N ASP C 188 41.27 -16.86 14.59
CA ASP C 188 41.67 -15.94 15.64
C ASP C 188 41.10 -14.55 15.40
N PHE C 189 40.43 -14.04 16.42
CA PHE C 189 39.77 -12.74 16.36
C PHE C 189 39.40 -12.23 17.76
N ALA C 190 39.45 -10.92 17.94
CA ALA C 190 39.01 -10.28 19.17
C ALA C 190 38.37 -8.94 18.85
N CYS C 191 37.46 -8.51 19.72
CA CYS C 191 36.76 -7.23 19.56
C CYS C 191 37.70 -6.05 19.44
N ALA C 192 38.77 -6.09 20.24
CA ALA C 192 39.70 -4.97 20.38
C ALA C 192 40.37 -4.54 19.08
N ASN C 193 40.84 -5.51 18.31
CA ASN C 193 41.56 -5.23 17.05
C ASN C 193 40.70 -4.49 16.03
N PHE C 195 38.13 -2.97 15.56
CA PHE C 195 37.86 -1.54 15.61
C PHE C 195 39.14 -0.73 15.79
N ASN C 196 40.13 -1.00 14.94
CA ASN C 196 41.43 -0.35 15.03
C ASN C 196 41.41 1.12 14.64
N ASN C 197 40.29 1.58 14.10
CA ASN C 197 40.20 2.94 13.59
C ASN C 197 38.96 3.70 14.07
N SER C 198 39.08 5.02 14.11
CA SER C 198 37.99 5.93 14.47
C SER C 198 37.41 5.65 15.87
N ILE C 199 38.24 5.06 16.71
CA ILE C 199 37.81 4.60 18.03
C ILE C 199 37.27 5.70 18.93
N ILE C 200 36.67 5.27 20.04
CA ILE C 200 36.27 6.13 21.14
C ILE C 200 36.38 5.26 22.39
N PRO C 201 37.36 5.55 23.25
CA PRO C 201 37.80 4.64 24.32
C PRO C 201 36.77 4.38 25.42
N GLU C 202 35.64 5.06 25.38
CA GLU C 202 34.65 4.94 26.45
C GLU C 202 33.49 4.04 26.02
N ALA D 5 -2.21 5.51 -8.26
CA ALA D 5 -1.98 4.08 -8.17
C ALA D 5 -1.57 3.47 -9.51
N VAL D 6 -0.26 3.41 -9.76
CA VAL D 6 0.26 2.77 -10.97
C VAL D 6 1.00 1.49 -10.63
N THR D 7 0.65 0.41 -11.32
CA THR D 7 1.18 -0.92 -11.05
C THR D 7 1.90 -1.45 -12.27
N GLN D 8 3.09 -2.02 -12.04
CA GLN D 8 3.88 -2.59 -13.12
C GLN D 8 4.40 -3.98 -12.80
N SER D 9 4.57 -4.78 -13.85
CA SER D 9 4.95 -6.19 -13.71
C SER D 9 5.86 -6.60 -14.86
N PRO D 10 6.78 -7.54 -14.59
CA PRO D 10 7.04 -8.21 -13.31
C PRO D 10 7.82 -7.37 -12.30
N ARG D 11 7.74 -7.73 -11.02
CA ARG D 11 8.47 -7.03 -9.98
C ARG D 11 9.93 -7.42 -9.94
N ASN D 12 10.20 -8.68 -10.27
CA ASN D 12 11.56 -9.18 -10.33
C ASN D 12 11.71 -10.17 -11.47
N LYS D 13 12.72 -9.98 -12.32
CA LYS D 13 12.98 -10.96 -13.37
C LYS D 13 14.45 -11.09 -13.73
N VAL D 14 14.89 -12.35 -13.82
CA VAL D 14 16.26 -12.66 -14.20
C VAL D 14 16.29 -13.23 -15.62
N THR D 15 17.23 -12.75 -16.43
CA THR D 15 17.41 -13.25 -17.79
C THR D 15 18.88 -13.27 -18.19
N VAL D 16 19.18 -13.77 -19.39
CA VAL D 16 20.55 -13.93 -19.86
C VAL D 16 20.77 -13.15 -21.16
N THR D 17 22.04 -12.86 -21.47
CA THR D 17 22.38 -12.11 -22.67
C THR D 17 21.76 -12.75 -23.90
N GLY D 18 20.89 -12.02 -24.58
CA GLY D 18 20.24 -12.52 -25.77
C GLY D 18 18.82 -12.96 -25.53
N GLY D 19 18.35 -12.82 -24.29
CA GLY D 19 16.99 -13.21 -23.95
C GLY D 19 15.94 -12.22 -24.42
N ASN D 20 14.68 -12.49 -24.09
CA ASN D 20 13.56 -11.61 -24.42
C ASN D 20 12.71 -11.30 -23.21
N VAL D 21 12.55 -10.03 -22.89
CA VAL D 21 11.84 -9.65 -21.68
C VAL D 21 10.84 -8.52 -21.94
N THR D 22 9.63 -8.69 -21.40
CA THR D 22 8.56 -7.70 -21.53
C THR D 22 8.05 -7.24 -20.16
N LEU D 23 8.05 -5.92 -19.97
CA LEU D 23 7.57 -5.31 -18.74
C LEU D 23 6.21 -4.69 -18.97
N SER D 24 5.33 -4.86 -18.00
CA SER D 24 3.96 -4.43 -18.17
C SER D 24 3.63 -3.33 -17.20
N CYS D 25 2.77 -2.41 -17.64
CA CYS D 25 2.30 -1.36 -16.78
C CYS D 25 0.81 -1.14 -16.99
N ARG D 26 0.08 -1.06 -15.89
CA ARG D 26 -1.34 -0.79 -15.94
C ARG D 26 -1.68 0.37 -15.04
N GLN D 27 -2.39 1.35 -15.59
CA GLN D 27 -2.88 2.43 -14.76
C GLN D 27 -4.39 2.49 -14.92
N THR D 28 -5.11 2.07 -13.88
CA THR D 28 -6.56 2.11 -13.86
C THR D 28 -7.04 3.56 -13.93
N ASN D 29 -6.14 4.47 -13.55
CA ASN D 29 -6.39 5.90 -13.63
C ASN D 29 -6.67 6.35 -15.06
N SER D 30 -7.15 7.58 -15.22
CA SER D 30 -7.49 8.03 -16.55
C SER D 30 -6.38 8.85 -17.16
N HIS D 31 -5.16 8.64 -16.69
CA HIS D 31 -4.01 9.36 -17.23
C HIS D 31 -3.72 8.98 -18.69
N ASN D 32 -3.59 9.98 -19.56
CA ASN D 32 -3.31 9.72 -20.96
C ASN D 32 -1.81 9.68 -21.25
N TYR D 33 -1.02 10.16 -20.29
CA TYR D 33 0.42 10.09 -20.39
C TYR D 33 0.93 8.91 -19.58
N MET D 34 1.76 8.07 -20.20
CA MET D 34 2.47 7.02 -19.47
C MET D 34 3.96 7.10 -19.77
N TYR D 35 4.78 6.63 -18.84
CA TYR D 35 6.23 6.79 -18.93
C TYR D 35 7.01 5.55 -18.52
N TRP D 36 8.20 5.41 -19.10
CA TRP D 36 9.14 4.38 -18.67
C TRP D 36 10.50 4.99 -18.32
N TYR D 37 10.94 4.83 -17.07
CA TYR D 37 12.24 5.32 -16.65
C TYR D 37 13.14 4.21 -16.15
N ARG D 38 14.45 4.45 -16.17
CA ARG D 38 15.39 3.53 -15.55
C ARG D 38 16.26 4.30 -14.57
N GLN D 39 16.30 3.80 -13.34
CA GLN D 39 17.05 4.45 -12.31
C GLN D 39 18.36 3.75 -12.09
N ASP D 40 19.43 4.52 -12.04
CA ASP D 40 20.70 3.94 -11.73
C ASP D 40 21.44 4.83 -10.75
N THR D 41 22.31 4.21 -9.96
CA THR D 41 23.24 4.97 -9.15
C THR D 41 24.27 5.49 -10.17
N GLY D 42 24.66 6.75 -10.01
CA GLY D 42 25.62 7.39 -10.88
C GLY D 42 25.06 8.02 -12.14
N HIS D 43 23.76 7.87 -12.37
CA HIS D 43 23.17 8.44 -13.56
C HIS D 43 21.71 8.85 -13.33
N GLY D 44 21.18 8.60 -12.14
CA GLY D 44 19.79 8.92 -11.81
C GLY D 44 18.74 8.38 -12.77
N LEU D 45 17.66 9.15 -12.99
CA LEU D 45 16.56 8.66 -13.83
C LEU D 45 16.65 9.15 -15.26
N ARG D 46 16.67 8.21 -16.20
CA ARG D 46 16.70 8.55 -17.61
C ARG D 46 15.48 7.98 -18.32
N LEU D 47 14.79 8.83 -19.06
CA LEU D 47 13.62 8.43 -19.82
C LEU D 47 13.97 7.54 -21.02
N ILE D 48 13.12 6.55 -21.30
CA ILE D 48 13.33 5.58 -22.37
C ILE D 48 12.37 5.81 -23.54
N HIS D 49 11.09 5.65 -23.26
CA HIS D 49 9.99 5.96 -24.16
C HIS D 49 8.80 6.44 -23.35
N TYR D 50 7.87 7.10 -24.03
CA TYR D 50 6.63 7.50 -23.42
C TYR D 50 5.58 7.55 -24.51
N SER D 51 4.33 7.74 -24.11
CA SER D 51 3.26 7.69 -25.08
C SER D 51 2.20 8.69 -24.66
N TYR D 52 1.52 9.27 -25.64
CA TYR D 52 0.40 10.13 -25.34
C TYR D 52 -0.87 9.52 -25.89
N GLY D 53 -1.50 8.65 -25.09
CA GLY D 53 -2.77 8.04 -25.47
C GLY D 53 -2.59 6.67 -26.07
N ALA D 54 -3.64 5.86 -26.03
CA ALA D 54 -3.59 4.50 -26.55
C ALA D 54 -3.11 4.46 -28.00
N GLY D 55 -2.10 3.65 -28.27
CA GLY D 55 -1.56 3.52 -29.61
C GLY D 55 -0.41 4.44 -29.92
N ASN D 56 -0.39 5.63 -29.32
CA ASN D 56 0.72 6.55 -29.52
C ASN D 56 1.98 6.01 -28.86
N LEU D 57 3.11 6.25 -29.52
CA LEU D 57 4.42 5.98 -28.96
C LEU D 57 5.31 7.18 -29.25
N GLN D 58 6.10 7.59 -28.27
CA GLN D 58 7.06 8.67 -28.49
C GLN D 58 8.43 8.37 -27.86
N ILE D 59 9.48 8.87 -28.50
CA ILE D 59 10.85 8.52 -28.12
C ILE D 59 11.37 9.24 -26.89
N GLY D 60 12.18 8.55 -26.09
CA GLY D 60 12.80 9.17 -24.93
C GLY D 60 14.23 9.56 -25.24
N ASP D 61 15.08 9.59 -24.22
CA ASP D 61 16.48 9.98 -24.40
C ASP D 61 17.41 8.80 -24.60
N VAL D 62 17.07 7.65 -24.03
CA VAL D 62 17.89 6.46 -24.22
C VAL D 62 17.07 5.21 -24.55
N PRO D 63 16.40 5.21 -25.71
CA PRO D 63 15.51 4.14 -26.15
C PRO D 63 16.24 2.97 -26.80
N ASP D 64 17.56 3.02 -26.79
CA ASP D 64 18.42 2.04 -27.47
C ASP D 64 18.23 0.61 -26.97
N GLY D 65 17.72 -0.25 -27.85
CA GLY D 65 17.50 -1.64 -27.51
C GLY D 65 16.14 -1.82 -26.85
N TYR D 66 15.40 -0.73 -26.75
CA TYR D 66 14.10 -0.73 -26.10
C TYR D 66 12.99 -0.48 -27.10
N LYS D 67 11.85 -1.12 -26.89
CA LYS D 67 10.66 -0.82 -27.67
C LYS D 67 9.48 -0.70 -26.73
N ALA D 68 8.44 0.01 -27.14
CA ALA D 68 7.27 0.20 -26.30
C ALA D 68 5.98 0.14 -27.10
N THR D 69 4.91 -0.34 -26.47
CA THR D 69 3.60 -0.41 -27.11
C THR D 69 2.52 0.06 -26.15
N ARG D 70 1.67 0.96 -26.62
CA ARG D 70 0.57 1.43 -25.82
C ARG D 70 -0.71 0.79 -26.33
N THR D 71 -1.07 -0.35 -25.78
CA THR D 71 -2.24 -1.09 -26.23
C THR D 71 -3.51 -0.36 -25.87
N THR D 72 -3.63 0.05 -24.61
CA THR D 72 -4.75 0.85 -24.16
C THR D 72 -4.23 2.10 -23.48
N GLN D 73 -5.16 2.93 -23.01
CA GLN D 73 -4.81 4.11 -22.25
C GLN D 73 -4.22 3.71 -20.91
N GLU D 74 -4.55 2.52 -20.46
CA GLU D 74 -4.14 2.08 -19.14
C GLU D 74 -2.91 1.18 -19.19
N ASP D 75 -2.67 0.56 -20.33
CA ASP D 75 -1.57 -0.38 -20.42
C ASP D 75 -0.41 0.14 -21.25
N PHE D 76 0.79 -0.04 -20.72
CA PHE D 76 2.00 0.43 -21.37
C PHE D 76 3.07 -0.60 -21.15
N PHE D 77 3.70 -1.04 -22.22
CA PHE D 77 4.63 -2.15 -22.14
C PHE D 77 6.02 -1.77 -22.58
N LEU D 78 7.03 -2.31 -21.92
CA LEU D 78 8.41 -2.08 -22.31
C LEU D 78 9.00 -3.35 -22.92
N LEU D 79 9.36 -3.30 -24.19
CA LEU D 79 9.77 -4.49 -24.91
C LEU D 79 11.28 -4.61 -25.06
N LEU D 80 11.84 -5.67 -24.52
CA LEU D 80 13.25 -5.95 -24.71
C LEU D 80 13.42 -7.27 -25.42
N GLU D 81 13.36 -7.20 -26.74
CA GLU D 81 13.43 -8.38 -27.59
C GLU D 81 14.84 -8.97 -27.56
N LEU D 82 15.80 -8.15 -27.18
CA LEU D 82 17.19 -8.55 -27.10
C LEU D 82 17.76 -8.03 -25.79
N ALA D 83 18.30 -8.94 -24.98
CA ALA D 83 18.85 -8.56 -23.69
C ALA D 83 20.37 -8.35 -23.77
N SER D 84 20.84 -7.36 -23.03
CA SER D 84 22.27 -7.09 -22.89
C SER D 84 22.54 -6.59 -21.46
N PRO D 85 23.70 -6.95 -20.90
CA PRO D 85 24.07 -6.60 -19.52
C PRO D 85 24.03 -5.09 -19.22
N SER D 86 24.04 -4.25 -20.25
CA SER D 86 23.99 -2.80 -20.04
C SER D 86 22.59 -2.37 -19.62
N GLN D 87 21.61 -3.17 -19.98
CA GLN D 87 20.22 -2.86 -19.66
C GLN D 87 19.81 -3.44 -18.31
N THR D 88 20.76 -4.05 -17.59
CA THR D 88 20.54 -4.46 -16.20
C THR D 88 20.30 -3.22 -15.33
N SER D 89 19.08 -3.05 -14.83
CA SER D 89 18.76 -1.85 -14.08
C SER D 89 17.52 -2.02 -13.21
N LEU D 90 17.03 -0.90 -12.69
CA LEU D 90 15.78 -0.85 -11.93
C LEU D 90 14.80 0.05 -12.69
N TYR D 91 13.69 -0.54 -13.14
CA TYR D 91 12.79 0.16 -14.06
C TYR D 91 11.48 0.65 -13.44
N PHE D 92 11.05 1.83 -13.87
CA PHE D 92 9.86 2.45 -13.32
C PHE D 92 8.85 2.87 -14.37
N CYS D 93 7.58 2.61 -14.09
CA CYS D 93 6.49 3.10 -14.91
C CYS D 93 5.94 4.36 -14.28
N ALA D 94 5.27 5.18 -15.08
CA ALA D 94 4.68 6.40 -14.56
C ALA D 94 3.44 6.75 -15.36
N SER D 95 2.60 7.59 -14.77
CA SER D 95 1.44 8.10 -15.50
C SER D 95 1.22 9.53 -15.08
N SER D 96 0.70 10.34 -15.98
CA SER D 96 0.48 11.74 -15.69
C SER D 96 -0.73 12.28 -16.42
N ASP D 97 -1.45 13.17 -15.73
CA ASP D 97 -2.62 13.84 -16.29
C ASP D 97 -2.28 15.30 -16.45
N ALA D 98 -1.23 15.72 -15.74
CA ALA D 98 -0.79 17.11 -15.75
C ALA D 98 0.69 17.17 -16.11
N PRO D 99 1.14 18.28 -16.69
CA PRO D 99 2.56 18.42 -17.06
C PRO D 99 3.49 18.27 -15.88
N GLY D 100 4.36 17.26 -15.93
CA GLY D 100 5.39 17.08 -14.91
C GLY D 100 4.95 16.46 -13.59
N GLN D 101 3.65 16.22 -13.44
CA GLN D 101 3.13 15.65 -12.20
C GLN D 101 2.90 14.15 -12.33
N LEU D 102 3.83 13.38 -11.78
CA LEU D 102 3.91 11.95 -12.05
C LEU D 102 3.67 11.05 -10.85
N TYR D 103 3.14 9.87 -11.15
CA TYR D 103 2.84 8.84 -10.17
C TYR D 103 3.57 7.60 -10.60
N PHE D 104 4.36 7.04 -9.70
CA PHE D 104 5.30 6.00 -10.09
C PHE D 104 4.91 4.60 -9.62
N GLY D 105 5.34 3.61 -10.37
CA GLY D 105 5.17 2.22 -9.99
C GLY D 105 6.16 1.80 -8.93
N GLU D 106 6.13 0.52 -8.57
CA GLU D 106 6.95 0.03 -7.45
C GLU D 106 8.32 -0.44 -7.93
N GLY D 107 8.53 -0.38 -9.24
CA GLY D 107 9.83 -0.65 -9.80
C GLY D 107 9.99 -2.11 -10.17
N SER D 108 10.62 -2.35 -11.31
CA SER D 108 10.96 -3.70 -11.72
C SER D 108 12.47 -3.82 -11.79
N LYS D 109 13.03 -4.75 -11.02
CA LYS D 109 14.48 -4.92 -11.00
C LYS D 109 14.89 -6.03 -11.92
N LEU D 110 15.73 -5.68 -12.90
CA LEU D 110 16.15 -6.63 -13.92
C LEU D 110 17.59 -7.06 -13.69
N THR D 111 17.86 -8.33 -13.96
CA THR D 111 19.22 -8.86 -13.91
C THR D 111 19.53 -9.60 -15.20
N VAL D 112 20.42 -9.03 -16.00
CA VAL D 112 20.86 -9.65 -17.25
C VAL D 112 22.27 -10.21 -17.08
N LEU D 113 22.44 -11.48 -17.38
CA LEU D 113 23.68 -12.19 -17.07
C LEU D 113 24.58 -12.32 -18.27
N GLU D 114 25.88 -12.42 -18.01
CA GLU D 114 26.81 -12.73 -19.08
C GLU D 114 26.85 -14.25 -19.22
N ASP D 115 27.18 -14.93 -18.12
CA ASP D 115 27.22 -16.37 -18.09
C ASP D 115 26.57 -16.84 -16.80
N LEU D 116 25.99 -18.03 -16.83
CA LEU D 116 25.22 -18.54 -15.71
C LEU D 116 26.14 -19.29 -14.74
N LYS D 117 27.39 -19.47 -15.16
CA LYS D 117 28.40 -20.14 -14.33
C LYS D 117 28.79 -19.28 -13.14
N ASN D 118 28.66 -17.97 -13.30
CA ASN D 118 29.08 -17.03 -12.27
C ASN D 118 28.05 -16.87 -11.16
N VAL D 119 27.00 -17.68 -11.21
CA VAL D 119 25.87 -17.57 -10.28
C VAL D 119 25.93 -18.44 -9.04
N PHE D 120 25.78 -17.82 -7.87
CA PHE D 120 25.68 -18.58 -6.64
C PHE D 120 24.59 -18.00 -5.74
N PRO D 121 23.84 -18.88 -5.08
CA PRO D 121 22.85 -18.49 -4.06
C PRO D 121 23.49 -18.05 -2.76
N PRO D 122 22.75 -17.31 -1.91
CA PRO D 122 23.33 -16.87 -0.65
C PRO D 122 23.24 -17.97 0.40
N GLU D 123 24.16 -18.01 1.34
CA GLU D 123 24.02 -18.89 2.48
C GLU D 123 23.70 -18.04 3.68
N VAL D 124 22.72 -18.44 4.46
CA VAL D 124 22.20 -17.59 5.52
C VAL D 124 22.43 -18.24 6.87
N ALA D 125 22.90 -17.44 7.83
CA ALA D 125 23.12 -17.90 9.19
C ALA D 125 22.69 -16.81 10.15
N VAL D 126 22.20 -17.19 11.32
CA VAL D 126 21.74 -16.24 12.31
C VAL D 126 22.57 -16.36 13.58
N PHE D 127 22.89 -15.22 14.20
CA PHE D 127 23.74 -15.22 15.37
C PHE D 127 23.01 -14.65 16.58
N GLU D 128 22.97 -15.44 17.64
CA GLU D 128 22.20 -15.14 18.83
C GLU D 128 22.85 -14.05 19.71
N PRO D 129 22.03 -13.37 20.51
CA PRO D 129 22.41 -12.33 21.48
C PRO D 129 23.41 -12.73 22.56
N SER D 130 23.82 -11.72 23.36
CA SER D 130 24.76 -11.90 24.47
C SER D 130 24.18 -11.77 25.87
N GLU D 131 24.68 -12.60 26.77
CA GLU D 131 24.41 -12.40 28.19
C GLU D 131 25.01 -11.03 28.55
N ALA D 132 26.03 -10.64 27.80
CA ALA D 132 26.68 -9.34 27.98
C ALA D 132 25.74 -8.15 27.76
N GLU D 133 25.17 -8.05 26.55
CA GLU D 133 24.29 -6.93 26.24
C GLU D 133 23.04 -6.90 27.11
N ILE D 134 22.39 -8.06 27.27
CA ILE D 134 21.19 -8.17 28.10
C ILE D 134 21.52 -7.72 29.51
N SER D 135 22.67 -8.14 30.04
CA SER D 135 23.11 -7.64 31.33
C SER D 135 23.29 -6.14 31.21
N HIS D 136 23.89 -5.73 30.09
CA HIS D 136 24.26 -4.33 29.90
C HIS D 136 23.07 -3.46 29.55
N THR D 137 22.52 -3.66 28.36
CA THR D 137 21.50 -2.75 27.84
C THR D 137 20.09 -3.28 28.06
N GLN D 138 19.97 -4.33 28.86
CA GLN D 138 18.68 -4.96 29.17
C GLN D 138 17.88 -5.29 27.90
N LYS D 139 18.59 -5.43 26.78
CA LYS D 139 17.98 -5.69 25.48
C LYS D 139 18.85 -6.66 24.68
N ALA D 140 18.27 -7.22 23.61
CA ALA D 140 18.96 -8.23 22.81
C ALA D 140 19.00 -7.84 21.34
N THR D 141 20.01 -8.34 20.62
CA THR D 141 20.22 -8.00 19.22
C THR D 141 20.62 -9.23 18.40
N LEU D 142 20.01 -9.39 17.23
CA LEU D 142 20.31 -10.51 16.36
C LEU D 142 20.92 -10.04 15.05
N VAL D 143 21.69 -10.91 14.39
CA VAL D 143 22.28 -10.58 13.12
C VAL D 143 22.10 -11.68 12.10
N CYS D 144 21.49 -11.34 10.97
CA CYS D 144 21.34 -12.31 9.90
C CYS D 144 22.34 -11.92 8.83
N LEU D 145 23.03 -12.91 8.27
CA LEU D 145 24.11 -12.66 7.32
C LEU D 145 23.93 -13.42 6.01
N ALA D 146 23.97 -12.69 4.91
CA ALA D 146 23.87 -13.29 3.57
C ALA D 146 25.20 -13.13 2.83
N THR D 147 25.73 -14.23 2.33
CA THR D 147 27.10 -14.25 1.81
C THR D 147 27.26 -15.01 0.49
N GLY D 148 28.26 -14.61 -0.29
CA GLY D 148 28.69 -15.39 -1.44
C GLY D 148 27.62 -15.68 -2.47
N PHE D 149 26.95 -14.64 -2.91
CA PHE D 149 25.95 -14.80 -3.94
C PHE D 149 26.20 -13.87 -5.12
N TYR D 150 26.05 -14.39 -6.31
CA TYR D 150 26.09 -13.58 -7.51
C TYR D 150 24.92 -14.00 -8.37
N PRO D 151 24.16 -13.02 -8.87
CA PRO D 151 24.35 -11.58 -8.70
C PRO D 151 23.62 -11.03 -7.47
N ASP D 152 23.71 -9.73 -7.28
CA ASP D 152 23.04 -9.02 -6.20
C ASP D 152 21.57 -8.77 -6.52
N HIS D 153 20.71 -9.66 -6.06
CA HIS D 153 19.28 -9.59 -6.33
C HIS D 153 18.57 -10.35 -5.23
N VAL D 154 18.41 -9.71 -4.08
CA VAL D 154 17.87 -10.40 -2.92
C VAL D 154 16.88 -9.53 -2.15
N GLU D 155 16.11 -10.16 -1.28
CA GLU D 155 15.20 -9.44 -0.40
C GLU D 155 15.20 -10.09 0.97
N LEU D 156 15.64 -9.33 1.97
CA LEU D 156 15.68 -9.84 3.33
C LEU D 156 14.51 -9.31 4.13
N SER D 157 13.98 -10.16 4.99
CA SER D 157 12.93 -9.76 5.90
C SER D 157 13.10 -10.57 7.18
N TRP D 158 12.74 -9.98 8.30
CA TRP D 158 12.76 -10.72 9.54
C TRP D 158 11.35 -11.16 9.88
N TRP D 159 11.23 -12.39 10.38
CA TRP D 159 9.93 -12.95 10.73
C TRP D 159 9.97 -13.46 12.15
N VAL D 160 9.22 -12.82 13.03
CA VAL D 160 9.15 -13.25 14.42
C VAL D 160 7.78 -13.79 14.73
N ASN D 161 7.71 -15.10 14.94
CA ASN D 161 6.46 -15.79 15.26
C ASN D 161 5.36 -15.53 14.21
N GLY D 162 5.73 -15.63 12.94
CA GLY D 162 4.78 -15.55 11.86
C GLY D 162 4.51 -14.15 11.36
N LYS D 163 5.23 -13.17 11.89
CA LYS D 163 5.01 -11.80 11.48
C LYS D 163 6.25 -11.16 10.90
N GLU D 164 6.07 -10.48 9.77
CA GLU D 164 7.13 -9.69 9.20
C GLU D 164 7.28 -8.47 10.07
N VAL D 165 8.50 -8.15 10.46
CA VAL D 165 8.69 -7.03 11.36
C VAL D 165 9.50 -5.92 10.67
N HIS D 166 9.13 -4.68 10.95
CA HIS D 166 9.76 -3.53 10.31
C HIS D 166 10.37 -2.63 11.39
N SER D 167 9.86 -2.80 12.61
CA SER D 167 10.37 -2.11 13.79
C SER D 167 11.58 -2.81 14.38
N GLY D 168 12.58 -2.03 14.79
CA GLY D 168 13.75 -2.58 15.44
C GLY D 168 14.67 -3.25 14.46
N VAL D 169 14.35 -3.12 13.17
CA VAL D 169 15.09 -3.79 12.12
C VAL D 169 15.99 -2.80 11.42
N CYS D 170 17.24 -3.21 11.23
CA CYS D 170 18.19 -2.40 10.49
C CYS D 170 18.89 -3.30 9.49
N THR D 171 18.78 -2.94 8.21
CA THR D 171 19.36 -3.73 7.14
C THR D 171 20.19 -2.84 6.22
N ASP D 172 21.29 -3.36 5.71
CA ASP D 172 22.13 -2.60 4.79
C ASP D 172 21.34 -2.15 3.57
N PRO D 173 21.60 -0.92 3.11
CA PRO D 173 21.03 -0.37 1.87
C PRO D 173 21.62 -1.06 0.64
N GLN D 174 22.94 -1.20 0.61
CA GLN D 174 23.63 -1.89 -0.47
C GLN D 174 24.55 -2.98 0.08
N PRO D 175 24.50 -4.17 -0.52
CA PRO D 175 25.44 -5.21 -0.14
C PRO D 175 26.81 -4.86 -0.64
N LEU D 176 27.86 -5.53 -0.16
CA LEU D 176 29.20 -5.24 -0.64
C LEU D 176 29.64 -6.34 -1.58
N LYS D 177 30.89 -6.26 -2.04
CA LYS D 177 31.47 -7.29 -2.88
C LYS D 177 32.49 -8.07 -2.08
N GLU D 178 32.68 -9.33 -2.44
CA GLU D 178 33.58 -10.20 -1.68
C GLU D 178 35.01 -10.12 -2.24
N GLN D 179 35.14 -9.78 -3.51
CA GLN D 179 36.45 -9.50 -4.10
C GLN D 179 36.29 -8.45 -5.19
N PRO D 180 36.14 -7.18 -4.79
CA PRO D 180 35.80 -6.07 -5.70
C PRO D 180 36.73 -5.98 -6.90
N ALA D 181 37.92 -6.54 -6.75
CA ALA D 181 38.94 -6.61 -7.81
C ALA D 181 38.52 -7.48 -8.99
N LEU D 182 37.91 -8.63 -8.71
CA LEU D 182 37.66 -9.64 -9.75
C LEU D 182 36.51 -9.24 -10.67
N ASN D 183 35.60 -8.42 -10.15
CA ASN D 183 34.48 -7.84 -10.89
C ASN D 183 33.44 -8.89 -11.32
N ASP D 184 33.81 -10.16 -11.21
CA ASP D 184 32.86 -11.28 -11.25
C ASP D 184 32.65 -11.76 -9.82
N SER D 185 32.98 -10.91 -8.86
CA SER D 185 32.92 -11.29 -7.45
C SER D 185 31.51 -11.33 -6.90
N ARG D 186 31.31 -12.21 -5.93
CA ARG D 186 30.03 -12.39 -5.29
C ARG D 186 29.79 -11.28 -4.28
N TYR D 187 28.55 -11.17 -3.82
CA TYR D 187 28.17 -10.13 -2.88
C TYR D 187 27.87 -10.70 -1.49
N ALA D 188 27.87 -9.83 -0.48
CA ALA D 188 27.45 -10.22 0.85
C ALA D 188 26.57 -9.13 1.46
N LEU D 189 25.68 -9.51 2.38
CA LEU D 189 24.73 -8.57 2.97
C LEU D 189 24.46 -8.94 4.42
N SER D 190 24.02 -7.97 5.23
CA SER D 190 23.78 -8.21 6.65
C SER D 190 22.54 -7.49 7.15
N SER D 191 21.98 -7.96 8.26
CA SER D 191 20.83 -7.29 8.85
C SER D 191 20.76 -7.48 10.35
N ARG D 192 20.05 -6.57 11.01
CA ARG D 192 19.98 -6.55 12.46
C ARG D 192 18.53 -6.47 12.93
N LEU D 193 18.28 -7.05 14.09
CA LEU D 193 16.96 -7.04 14.70
C LEU D 193 17.12 -6.97 16.21
N ARG D 194 16.64 -5.89 16.82
CA ARG D 194 16.88 -5.66 18.25
C ARG D 194 15.59 -5.66 19.08
N VAL D 195 15.58 -6.47 20.13
CA VAL D 195 14.40 -6.63 20.99
C VAL D 195 14.75 -6.52 22.46
N SER D 196 13.73 -6.40 23.31
CA SER D 196 13.93 -6.39 24.74
C SER D 196 14.39 -7.78 25.18
N ALA D 197 15.25 -7.84 26.18
CA ALA D 197 15.79 -9.11 26.65
C ALA D 197 14.68 -10.10 27.00
N THR D 198 13.62 -9.62 27.64
CA THR D 198 12.48 -10.44 28.04
C THR D 198 11.95 -11.25 26.88
N PHE D 199 11.82 -10.58 25.74
CA PHE D 199 11.25 -11.20 24.55
C PHE D 199 12.14 -12.30 24.00
N TRP D 200 13.45 -12.12 24.11
CA TRP D 200 14.40 -13.14 23.68
C TRP D 200 14.44 -14.27 24.68
N GLN D 201 14.20 -13.95 25.95
CA GLN D 201 14.34 -14.94 27.02
C GLN D 201 13.30 -16.04 26.93
N ASN D 202 12.24 -15.81 26.18
CA ASN D 202 11.19 -16.81 26.07
C ASN D 202 11.60 -17.85 25.06
N PRO D 203 11.68 -19.11 25.48
CA PRO D 203 11.95 -20.22 24.57
C PRO D 203 10.83 -20.41 23.56
N ARG D 204 9.75 -19.66 23.73
CA ARG D 204 8.60 -19.76 22.85
C ARG D 204 8.70 -18.78 21.69
N ASN D 205 9.67 -17.89 21.74
CA ASN D 205 9.79 -16.90 20.68
C ASN D 205 10.76 -17.36 19.60
N HIS D 206 10.25 -17.36 18.37
CA HIS D 206 10.96 -17.92 17.24
C HIS D 206 11.34 -16.84 16.24
N PHE D 207 12.64 -16.62 16.07
CA PHE D 207 13.13 -15.54 15.21
C PHE D 207 13.66 -16.07 13.89
N ARG D 208 13.33 -15.40 12.78
CA ARG D 208 13.75 -15.87 11.46
C ARG D 208 14.24 -14.78 10.50
N CYS D 209 15.25 -15.13 9.72
CA CYS D 209 15.74 -14.28 8.66
C CYS D 209 15.62 -14.99 7.32
N GLN D 210 14.74 -14.50 6.46
CA GLN D 210 14.51 -15.14 5.19
C GLN D 210 14.95 -14.25 4.05
N VAL D 211 15.68 -14.83 3.12
CA VAL D 211 16.26 -14.08 2.03
C VAL D 211 15.83 -14.70 0.72
N GLN D 212 15.06 -13.95 -0.05
CA GLN D 212 14.67 -14.39 -1.38
C GLN D 212 15.81 -14.10 -2.34
N PHE D 213 16.12 -15.07 -3.20
CA PHE D 213 17.16 -14.89 -4.20
C PHE D 213 16.55 -15.18 -5.57
N TYR D 214 16.52 -14.18 -6.44
CA TYR D 214 15.98 -14.35 -7.77
C TYR D 214 17.03 -14.80 -8.76
N GLY D 215 16.90 -16.02 -9.24
CA GLY D 215 17.88 -16.59 -10.15
C GLY D 215 17.29 -17.26 -11.38
N LEU D 216 17.78 -18.45 -11.67
CA LEU D 216 17.44 -19.13 -12.91
C LEU D 216 15.99 -19.59 -12.92
N SER D 217 15.40 -19.65 -14.11
CA SER D 217 14.03 -20.11 -14.25
C SER D 217 14.04 -21.63 -14.34
N GLU D 218 12.88 -22.23 -14.11
CA GLU D 218 12.77 -23.69 -13.99
C GLU D 218 13.26 -24.48 -15.21
N ASN D 219 13.00 -23.96 -16.41
CA ASN D 219 13.36 -24.70 -17.62
C ASN D 219 14.83 -24.56 -17.94
N ASP D 220 15.39 -23.39 -17.62
CA ASP D 220 16.76 -23.00 -17.94
C ASP D 220 17.76 -24.15 -17.83
N GLU D 221 18.65 -24.23 -18.83
CA GLU D 221 19.57 -25.35 -18.95
C GLU D 221 20.76 -25.21 -18.03
N TRP D 222 20.99 -26.27 -17.26
CA TRP D 222 22.02 -26.29 -16.25
C TRP D 222 23.07 -27.33 -16.61
N THR D 223 24.25 -26.84 -17.02
CA THR D 223 25.31 -27.73 -17.46
C THR D 223 26.40 -27.82 -16.40
N GLN D 224 26.05 -28.43 -15.28
CA GLN D 224 26.94 -28.58 -14.14
C GLN D 224 26.45 -29.71 -13.25
N ASP D 225 27.34 -30.30 -12.47
CA ASP D 225 26.97 -31.26 -11.47
C ASP D 225 26.60 -30.46 -10.23
N ARG D 226 26.62 -29.14 -10.37
CA ARG D 226 26.40 -28.23 -9.27
C ARG D 226 24.91 -28.05 -8.99
N ALA D 227 24.59 -27.66 -7.77
CA ALA D 227 23.23 -27.36 -7.42
C ALA D 227 22.78 -26.16 -8.22
N LYS D 228 21.75 -26.36 -9.03
CA LYS D 228 21.16 -25.32 -9.85
C LYS D 228 20.81 -24.14 -8.96
N PRO D 229 21.46 -22.99 -9.19
CA PRO D 229 21.22 -21.77 -8.43
C PRO D 229 19.90 -21.14 -8.85
N VAL D 230 18.80 -21.73 -8.38
CA VAL D 230 17.47 -21.32 -8.79
C VAL D 230 16.88 -20.30 -7.82
N THR D 231 15.91 -19.54 -8.32
CA THR D 231 15.15 -18.62 -7.50
C THR D 231 14.52 -19.33 -6.30
N GLN D 232 14.90 -18.92 -5.11
CA GLN D 232 14.52 -19.66 -3.89
C GLN D 232 14.57 -18.79 -2.64
N ILE D 233 14.10 -19.34 -1.53
CA ILE D 233 14.20 -18.67 -0.23
C ILE D 233 15.11 -19.43 0.70
N VAL D 234 16.21 -18.80 1.08
CA VAL D 234 17.11 -19.36 2.06
C VAL D 234 16.89 -18.64 3.37
N SER D 235 16.83 -19.41 4.45
CA SER D 235 16.51 -18.86 5.75
C SER D 235 17.29 -19.55 6.86
N ALA D 236 17.44 -18.84 7.96
CA ALA D 236 18.07 -19.38 9.16
C ALA D 236 17.22 -19.03 10.36
N GLU D 237 17.42 -19.74 11.46
CA GLU D 237 16.52 -19.64 12.59
C GLU D 237 17.27 -19.44 13.89
N ALA D 238 16.51 -19.08 14.92
CA ALA D 238 17.01 -19.01 16.27
C ALA D 238 15.82 -19.01 17.21
N TRP D 239 15.96 -19.71 18.33
CA TRP D 239 14.89 -19.75 19.32
C TRP D 239 15.35 -19.01 20.55
N GLY D 240 14.42 -18.39 21.25
CA GLY D 240 14.77 -17.70 22.47
C GLY D 240 15.23 -18.72 23.49
N ARG D 241 15.83 -18.25 24.58
CA ARG D 241 16.20 -19.15 25.66
C ARG D 241 16.22 -18.43 27.00
N ALA D 242 15.74 -19.12 28.03
CA ALA D 242 15.61 -18.54 29.35
C ALA D 242 16.96 -18.50 30.07
N ASP D 243 17.54 -19.67 30.29
CA ASP D 243 18.79 -19.82 31.05
C ASP D 243 18.70 -19.17 32.43
N PRO E 3 4.81 -49.21 27.66
CA PRO E 3 5.53 -48.80 26.46
C PRO E 3 4.80 -49.21 25.19
N HIS E 4 4.23 -48.23 24.49
CA HIS E 4 3.32 -48.49 23.37
C HIS E 4 3.54 -47.54 22.19
N SER E 5 2.76 -47.76 21.13
CA SER E 5 2.91 -47.01 19.89
C SER E 5 1.57 -46.95 19.14
N MET E 6 1.37 -45.88 18.39
CA MET E 6 0.16 -45.71 17.57
C MET E 6 0.57 -45.00 16.28
N ARG E 7 0.00 -45.43 15.16
CA ARG E 7 0.36 -44.85 13.86
C ARG E 7 -0.85 -44.77 12.94
N TYR E 8 -0.76 -43.87 11.97
CA TYR E 8 -1.73 -43.80 10.89
C TYR E 8 -0.99 -43.69 9.58
N TYR E 9 -1.46 -44.42 8.58
CA TYR E 9 -0.88 -44.35 7.25
C TYR E 9 -1.97 -43.96 6.27
N GLU E 10 -1.98 -42.70 5.88
CA GLU E 10 -2.98 -42.20 4.95
C GLU E 10 -2.34 -42.05 3.59
N THR E 11 -2.93 -42.67 2.57
CA THR E 11 -2.29 -42.76 1.26
C THR E 11 -3.27 -42.46 0.13
N ALA E 12 -2.81 -41.72 -0.87
CA ALA E 12 -3.62 -41.51 -2.05
C ALA E 12 -2.84 -41.76 -3.34
N THR E 13 -3.55 -41.99 -4.43
CA THR E 13 -2.95 -42.16 -5.74
C THR E 13 -3.83 -41.49 -6.80
N SER E 14 -3.23 -40.62 -7.61
CA SER E 14 -3.98 -39.80 -8.57
C SER E 14 -4.70 -40.65 -9.61
N ARG E 15 -5.88 -40.22 -10.02
CA ARG E 15 -6.55 -40.81 -11.16
C ARG E 15 -6.41 -39.87 -12.33
N ARG E 16 -6.01 -40.43 -13.47
CA ARG E 16 -5.82 -39.64 -14.68
C ARG E 16 -7.14 -38.99 -15.09
N GLY E 17 -7.05 -37.96 -15.92
CA GLY E 17 -8.22 -37.21 -16.36
C GLY E 17 -9.09 -36.69 -15.22
N LEU E 18 -10.35 -36.42 -15.55
CA LEU E 18 -11.29 -35.89 -14.58
C LEU E 18 -11.76 -36.97 -13.61
N GLY E 19 -11.53 -36.74 -12.32
CA GLY E 19 -12.02 -37.64 -11.29
C GLY E 19 -11.37 -37.43 -9.95
N GLU E 20 -11.79 -38.22 -8.98
CA GLU E 20 -11.26 -38.12 -7.63
C GLU E 20 -10.44 -39.36 -7.32
N PRO E 21 -9.22 -39.16 -6.81
CA PRO E 21 -8.20 -40.20 -6.61
C PRO E 21 -8.64 -41.27 -5.64
N ARG E 22 -7.72 -42.19 -5.33
CA ARG E 22 -8.05 -43.29 -4.44
C ARG E 22 -7.40 -43.07 -3.08
N TYR E 23 -8.22 -42.82 -2.07
CA TYR E 23 -7.71 -42.55 -0.73
C TYR E 23 -7.98 -43.73 0.19
N THR E 24 -6.96 -44.10 0.96
CA THR E 24 -7.06 -45.19 1.93
C THR E 24 -6.36 -44.78 3.22
N SER E 25 -6.92 -45.18 4.35
CA SER E 25 -6.28 -44.89 5.62
C SER E 25 -6.34 -46.09 6.53
N VAL E 26 -5.28 -46.30 7.30
CA VAL E 26 -5.21 -47.44 8.20
C VAL E 26 -4.59 -47.03 9.53
N GLY E 27 -5.21 -47.44 10.63
CA GLY E 27 -4.68 -47.15 11.94
C GLY E 27 -3.93 -48.32 12.53
N TYR E 28 -2.84 -48.02 13.24
CA TYR E 28 -2.00 -49.03 13.85
C TYR E 28 -1.88 -48.82 15.35
N VAL E 29 -2.08 -49.87 16.13
CA VAL E 29 -1.79 -49.80 17.56
C VAL E 29 -0.81 -50.92 17.88
N ASP E 30 0.34 -50.53 18.43
CA ASP E 30 1.48 -51.42 18.62
C ASP E 30 1.75 -52.18 17.33
N ASP E 31 1.78 -51.45 16.21
CA ASP E 31 2.13 -51.98 14.90
C ASP E 31 1.11 -52.99 14.38
N LYS E 32 -0.01 -53.12 15.08
CA LYS E 32 -1.07 -54.01 14.66
C LYS E 32 -2.26 -53.16 14.24
N GLU E 33 -2.73 -53.39 13.02
CA GLU E 33 -3.77 -52.59 12.39
C GLU E 33 -5.06 -52.64 13.20
N PHE E 34 -5.59 -51.47 13.55
CA PHE E 34 -6.80 -51.44 14.38
C PHE E 34 -7.97 -50.73 13.70
N VAL E 35 -7.80 -50.23 12.48
CA VAL E 35 -8.89 -49.57 11.77
C VAL E 35 -8.55 -49.36 10.27
N ARG E 36 -9.56 -49.25 9.41
CA ARG E 36 -9.31 -49.12 7.96
C ARG E 36 -10.37 -48.35 7.16
N PHE E 37 -9.91 -47.70 6.09
CA PHE E 37 -10.76 -47.04 5.10
C PHE E 37 -10.25 -47.29 3.68
N ASP E 38 -11.16 -47.37 2.72
CA ASP E 38 -10.78 -47.42 1.32
C ASP E 38 -11.92 -46.81 0.51
N SER E 39 -11.56 -46.06 -0.53
CA SER E 39 -12.55 -45.23 -1.23
C SER E 39 -13.19 -45.93 -2.41
N ASP E 40 -12.76 -47.16 -2.70
CA ASP E 40 -13.25 -47.87 -3.86
C ASP E 40 -14.41 -48.77 -3.50
N ALA E 41 -14.52 -49.09 -2.20
CA ALA E 41 -15.69 -49.77 -1.68
C ALA E 41 -16.94 -48.95 -1.95
N GLU E 42 -18.03 -49.61 -2.31
CA GLU E 42 -19.24 -48.92 -2.74
C GLU E 42 -20.00 -48.30 -1.56
N ASN E 43 -19.66 -48.75 -0.35
CA ASN E 43 -20.17 -48.12 0.88
C ASN E 43 -19.00 -47.59 1.70
N PRO E 44 -18.31 -46.57 1.16
CA PRO E 44 -17.02 -46.10 1.69
C PRO E 44 -17.16 -45.57 3.11
N ARG E 45 -16.42 -46.18 4.03
CA ARG E 45 -16.55 -45.85 5.44
C ARG E 45 -15.40 -46.46 6.22
N TYR E 46 -15.27 -46.08 7.48
CA TYR E 46 -14.28 -46.69 8.36
C TYR E 46 -14.87 -47.95 8.96
N GLU E 47 -14.09 -49.04 8.93
CA GLU E 47 -14.60 -50.32 9.38
C GLU E 47 -13.71 -50.89 10.48
N PRO E 48 -14.34 -51.47 11.51
CA PRO E 48 -13.60 -52.20 12.54
C PRO E 48 -13.15 -53.57 12.04
N GLN E 49 -11.86 -53.85 12.15
CA GLN E 49 -11.26 -55.10 11.70
C GLN E 49 -10.59 -55.85 12.86
N VAL E 50 -11.01 -55.53 14.08
CA VAL E 50 -10.48 -56.15 15.31
C VAL E 50 -11.62 -56.30 16.32
N PRO E 51 -11.54 -57.32 17.21
CA PRO E 51 -12.59 -57.60 18.20
C PRO E 51 -13.05 -56.38 19.00
N TRP E 52 -12.17 -55.82 19.82
CA TRP E 52 -12.56 -54.78 20.76
C TRP E 52 -13.18 -53.54 20.10
N MET E 53 -12.80 -53.25 18.86
CA MET E 53 -13.31 -52.05 18.17
C MET E 53 -14.78 -52.11 17.80
N GLU E 54 -15.40 -53.26 17.95
CA GLU E 54 -16.82 -53.40 17.66
C GLU E 54 -17.62 -52.59 18.69
N GLN E 55 -16.92 -52.10 19.71
CA GLN E 55 -17.56 -51.50 20.88
C GLN E 55 -18.05 -50.07 20.65
N GLU E 56 -17.81 -49.51 19.48
CA GLU E 56 -18.19 -48.12 19.30
C GLU E 56 -19.51 -47.85 18.61
N GLY E 57 -20.21 -46.84 19.13
CA GLY E 57 -21.50 -46.44 18.62
C GLY E 57 -21.38 -45.84 17.25
N PRO E 58 -22.53 -45.58 16.61
CA PRO E 58 -22.58 -45.09 15.23
C PRO E 58 -21.98 -43.69 15.11
N GLU E 59 -22.40 -42.82 16.02
CA GLU E 59 -21.96 -41.42 16.06
C GLU E 59 -20.46 -41.30 15.92
N TYR E 60 -19.75 -42.23 16.55
CA TYR E 60 -18.31 -42.35 16.42
C TYR E 60 -17.92 -42.56 14.97
N TRP E 61 -18.30 -43.71 14.43
CA TRP E 61 -17.97 -44.07 13.05
C TRP E 61 -18.41 -42.98 12.09
N GLU E 62 -19.57 -42.40 12.38
CA GLU E 62 -20.14 -41.38 11.51
C GLU E 62 -19.30 -40.11 11.62
N ARG E 63 -18.73 -39.86 12.80
CA ARG E 63 -17.84 -38.73 13.01
C ARG E 63 -16.53 -38.91 12.25
N ILE E 64 -15.81 -39.98 12.56
CA ILE E 64 -14.51 -40.23 11.94
C ILE E 64 -14.59 -40.46 10.44
N THR E 65 -15.76 -40.82 9.94
CA THR E 65 -15.94 -41.00 8.51
C THR E 65 -15.99 -39.61 7.91
N GLN E 66 -16.58 -38.67 8.64
CA GLN E 66 -16.60 -37.28 8.21
C GLN E 66 -15.18 -36.79 8.00
N ILE E 67 -14.27 -37.21 8.88
CA ILE E 67 -12.85 -36.90 8.73
C ILE E 67 -12.32 -37.41 7.39
N ALA E 68 -12.76 -38.60 6.99
CA ALA E 68 -12.35 -39.19 5.73
C ALA E 68 -12.78 -38.29 4.55
N LYS E 69 -13.84 -37.53 4.77
CA LYS E 69 -14.30 -36.58 3.76
C LYS E 69 -13.28 -35.47 3.54
N GLY E 70 -12.75 -34.95 4.64
CA GLY E 70 -11.76 -33.90 4.56
C GLY E 70 -10.52 -34.24 3.74
N GLN E 71 -9.98 -35.43 4.01
CA GLN E 71 -8.72 -35.84 3.42
C GLN E 71 -8.80 -36.06 1.93
N GLU E 72 -9.97 -36.48 1.45
CA GLU E 72 -10.17 -36.77 0.03
C GLU E 72 -10.00 -35.55 -0.86
N GLN E 73 -10.45 -34.40 -0.37
CA GLN E 73 -10.29 -33.16 -1.09
C GLN E 73 -8.93 -32.52 -0.82
N TRP E 74 -8.31 -32.89 0.31
CA TRP E 74 -6.97 -32.42 0.60
C TRP E 74 -5.94 -33.03 -0.36
N PHE E 75 -5.88 -34.36 -0.39
CA PHE E 75 -4.95 -35.08 -1.24
C PHE E 75 -5.10 -34.70 -2.70
N ARG E 76 -6.35 -34.60 -3.15
CA ARG E 76 -6.67 -34.22 -4.52
C ARG E 76 -6.05 -32.86 -4.84
N VAL E 77 -6.06 -31.97 -3.85
CA VAL E 77 -5.52 -30.62 -3.97
C VAL E 77 -3.99 -30.58 -3.89
N ASN E 78 -3.44 -31.24 -2.89
CA ASN E 78 -2.01 -31.15 -2.65
C ASN E 78 -1.20 -32.02 -3.61
N LEU E 79 -1.90 -32.85 -4.39
CA LEU E 79 -1.29 -33.54 -5.50
C LEU E 79 -1.19 -32.58 -6.69
N ARG E 80 -2.08 -31.59 -6.71
CA ARG E 80 -2.04 -30.54 -7.72
C ARG E 80 -0.91 -29.55 -7.40
N THR E 81 -0.53 -29.50 -6.13
CA THR E 81 0.55 -28.65 -5.68
C THR E 81 1.92 -29.22 -6.01
N LEU E 82 2.16 -30.45 -5.58
CA LEU E 82 3.44 -31.12 -5.80
C LEU E 82 3.79 -31.29 -7.28
N LEU E 83 2.77 -31.46 -8.12
CA LEU E 83 2.96 -31.58 -9.55
C LEU E 83 3.66 -30.33 -10.07
N GLY E 84 3.25 -29.17 -9.57
CA GLY E 84 3.81 -27.90 -9.99
C GLY E 84 5.20 -27.61 -9.45
N TYR E 85 5.46 -28.04 -8.21
CA TYR E 85 6.77 -27.88 -7.57
C TYR E 85 7.88 -28.50 -8.42
N TYR E 86 7.65 -29.73 -8.83
CA TYR E 86 8.65 -30.48 -9.58
C TYR E 86 8.48 -30.20 -11.05
N ASN E 87 7.45 -29.43 -11.38
CA ASN E 87 7.10 -29.10 -12.76
C ASN E 87 6.95 -30.38 -13.57
N GLN E 88 5.95 -31.17 -13.23
CA GLN E 88 5.69 -32.44 -13.92
C GLN E 88 4.44 -32.30 -14.77
N SER E 89 4.33 -33.11 -15.82
CA SER E 89 3.21 -33.01 -16.75
C SER E 89 1.93 -33.52 -16.12
N ALA E 90 0.80 -33.18 -16.73
CA ALA E 90 -0.52 -33.50 -16.19
C ALA E 90 -0.85 -34.98 -16.27
N GLY E 91 -0.32 -35.67 -17.28
CA GLY E 91 -0.67 -37.06 -17.52
C GLY E 91 -0.07 -38.03 -16.54
N GLY E 92 0.61 -37.51 -15.52
CA GLY E 92 1.26 -38.34 -14.53
C GLY E 92 0.32 -38.95 -13.50
N THR E 93 0.68 -40.13 -13.03
CA THR E 93 -0.05 -40.78 -11.93
C THR E 93 0.87 -40.93 -10.73
N HIS E 94 0.70 -40.07 -9.74
CA HIS E 94 1.61 -40.02 -8.60
C HIS E 94 0.95 -40.39 -7.29
N THR E 95 1.77 -40.62 -6.27
CA THR E 95 1.27 -41.08 -4.97
C THR E 95 1.73 -40.20 -3.82
N LEU E 96 0.79 -39.89 -2.93
CA LEU E 96 1.08 -39.11 -1.73
C LEU E 96 0.61 -39.88 -0.51
N GLN E 97 1.49 -40.01 0.49
CA GLN E 97 1.18 -40.79 1.68
C GLN E 97 1.43 -39.98 2.94
N TRP E 98 0.51 -40.06 3.88
CA TRP E 98 0.71 -39.39 5.16
C TRP E 98 0.80 -40.41 6.28
N MET E 99 1.94 -40.38 6.97
CA MET E 99 2.16 -41.22 8.13
C MET E 99 2.35 -40.35 9.35
N TYR E 100 1.59 -40.65 10.41
CA TYR E 100 1.68 -39.92 11.66
C TYR E 100 1.21 -40.76 12.84
N GLY E 101 1.58 -40.35 14.04
CA GLY E 101 1.22 -41.07 15.25
C GLY E 101 2.17 -40.73 16.38
N CYS E 102 2.10 -41.48 17.47
CA CYS E 102 2.88 -41.16 18.67
C CYS E 102 3.41 -42.40 19.40
N ASP E 103 4.43 -42.20 20.23
CA ASP E 103 4.91 -43.26 21.11
C ASP E 103 4.69 -42.88 22.56
N VAL E 104 3.97 -43.73 23.29
CA VAL E 104 3.55 -43.44 24.65
C VAL E 104 4.37 -44.23 25.65
N GLY E 105 4.66 -43.61 26.79
CA GLY E 105 5.39 -44.28 27.84
C GLY E 105 4.52 -45.24 28.61
N SER E 106 5.08 -45.80 29.67
CA SER E 106 4.31 -46.69 30.55
C SER E 106 3.36 -45.88 31.42
N ASP E 107 3.74 -44.63 31.70
CA ASP E 107 2.95 -43.77 32.58
C ASP E 107 1.88 -43.00 31.83
N GLY E 108 1.88 -43.11 30.51
CA GLY E 108 0.90 -42.43 29.69
C GLY E 108 1.41 -41.11 29.15
N ARG E 109 2.72 -40.90 29.25
CA ARG E 109 3.32 -39.68 28.71
C ARG E 109 3.76 -39.93 27.27
N LEU E 110 4.25 -38.88 26.63
CA LEU E 110 4.71 -38.98 25.25
C LEU E 110 6.22 -39.15 25.19
N LEU E 111 6.67 -39.96 24.23
CA LEU E 111 8.10 -40.22 24.05
C LEU E 111 8.58 -39.59 22.76
N ARG E 112 7.81 -39.79 21.71
CA ARG E 112 8.20 -39.34 20.39
C ARG E 112 6.98 -39.17 19.49
N GLY E 113 6.96 -38.08 18.73
CA GLY E 113 5.87 -37.81 17.82
C GLY E 113 6.34 -37.91 16.38
N TYR E 114 5.45 -38.33 15.51
CA TYR E 114 5.78 -38.56 14.10
C TYR E 114 4.85 -37.82 13.15
N GLU E 115 5.45 -37.04 12.25
CA GLU E 115 4.74 -36.38 11.15
C GLU E 115 5.65 -36.36 9.95
N GLN E 116 5.36 -37.19 8.96
CA GLN E 116 6.17 -37.23 7.76
C GLN E 116 5.37 -37.60 6.53
N PHE E 117 5.89 -37.20 5.37
CA PHE E 117 5.18 -37.31 4.12
C PHE E 117 6.08 -37.95 3.07
N ALA E 118 5.48 -38.58 2.07
CA ALA E 118 6.27 -39.20 1.01
C ALA E 118 5.57 -39.02 -0.33
N TYR E 119 6.34 -38.62 -1.33
CA TYR E 119 5.85 -38.43 -2.68
C TYR E 119 6.45 -39.51 -3.55
N ASP E 120 5.59 -40.38 -4.08
CA ASP E 120 6.00 -41.49 -4.94
C ASP E 120 7.03 -42.39 -4.27
N GLY E 121 7.02 -42.43 -2.95
CA GLY E 121 7.83 -43.38 -2.21
C GLY E 121 9.09 -42.88 -1.52
N CYS E 122 9.57 -41.70 -1.89
CA CYS E 122 10.71 -41.13 -1.18
C CYS E 122 10.24 -40.02 -0.26
N ASP E 123 10.94 -39.84 0.86
CA ASP E 123 10.54 -38.84 1.85
C ASP E 123 10.53 -37.44 1.25
N TYR E 124 9.54 -36.66 1.68
CA TYR E 124 9.38 -35.30 1.19
C TYR E 124 9.76 -34.34 2.31
N ILE E 125 9.07 -34.46 3.43
CA ILE E 125 9.36 -33.64 4.60
C ILE E 125 9.03 -34.42 5.86
N ALA E 126 9.76 -34.12 6.93
CA ALA E 126 9.61 -34.86 8.18
C ALA E 126 9.86 -33.92 9.34
N LEU E 127 9.20 -34.19 10.45
CA LEU E 127 9.31 -33.37 11.64
C LEU E 127 10.42 -33.92 12.53
N ASN E 128 11.43 -33.09 12.81
CA ASN E 128 12.57 -33.55 13.59
C ASN E 128 12.13 -33.87 15.00
N GLU E 129 13.02 -34.51 15.77
CA GLU E 129 12.60 -35.14 17.00
C GLU E 129 12.46 -34.14 18.15
N ASP E 130 13.01 -32.95 17.96
CA ASP E 130 12.77 -31.84 18.88
C ASP E 130 11.38 -31.27 18.61
N LEU E 131 10.78 -31.70 17.51
CA LEU E 131 9.40 -31.39 17.15
C LEU E 131 9.14 -29.91 16.89
N ARG E 132 10.20 -29.16 16.65
CA ARG E 132 10.04 -27.76 16.32
C ARG E 132 10.82 -27.45 15.05
N THR E 133 11.47 -28.47 14.50
CA THR E 133 12.24 -28.32 13.27
C THR E 133 11.86 -29.37 12.25
N TRP E 134 11.91 -29.00 10.97
CA TRP E 134 11.59 -29.93 9.90
C TRP E 134 12.84 -30.28 9.12
N THR E 135 12.80 -31.45 8.49
CA THR E 135 13.87 -31.84 7.60
C THR E 135 13.29 -31.94 6.20
N ALA E 136 13.87 -31.21 5.26
CA ALA E 136 13.37 -31.19 3.88
C ALA E 136 14.28 -32.00 2.98
N ALA E 137 13.69 -32.76 2.06
CA ALA E 137 14.48 -33.64 1.21
C ALA E 137 15.11 -32.92 0.03
N ASP E 138 14.28 -32.38 -0.85
CA ASP E 138 14.78 -31.69 -2.05
C ASP E 138 14.38 -30.23 -2.01
N MET E 139 14.77 -29.47 -3.03
CA MET E 139 14.51 -28.04 -3.06
C MET E 139 13.01 -27.78 -3.18
N ALA E 140 12.28 -28.74 -3.73
CA ALA E 140 10.84 -28.63 -3.83
C ALA E 140 10.19 -28.94 -2.49
N ALA E 141 11.00 -29.43 -1.56
CA ALA E 141 10.56 -29.68 -0.18
C ALA E 141 10.98 -28.51 0.67
N GLN E 142 11.72 -27.60 0.05
CA GLN E 142 12.25 -26.44 0.74
C GLN E 142 11.24 -25.32 0.65
N ILE E 143 10.31 -25.44 -0.29
CA ILE E 143 9.20 -24.51 -0.40
C ILE E 143 8.25 -24.78 0.75
N THR E 144 7.99 -26.06 0.96
CA THR E 144 7.14 -26.55 2.02
C THR E 144 7.70 -26.24 3.41
N ARG E 145 8.96 -26.57 3.62
CA ARG E 145 9.60 -26.31 4.91
C ARG E 145 9.55 -24.83 5.24
N ARG E 146 9.83 -24.00 4.24
CA ARG E 146 9.79 -22.54 4.38
C ARG E 146 8.42 -22.02 4.83
N LYS E 147 7.39 -22.44 4.11
CA LYS E 147 6.03 -22.00 4.42
C LYS E 147 5.65 -22.42 5.83
N TRP E 148 5.92 -23.68 6.12
CA TRP E 148 5.45 -24.33 7.35
C TRP E 148 6.18 -23.83 8.57
N GLU E 149 7.43 -23.43 8.40
CA GLU E 149 8.24 -23.03 9.54
C GLU E 149 7.94 -21.60 9.98
N GLN E 150 7.68 -20.70 9.03
CA GLN E 150 7.41 -19.32 9.38
C GLN E 150 6.04 -19.15 10.03
N ALA E 151 5.07 -19.98 9.64
CA ALA E 151 3.71 -19.85 10.14
C ALA E 151 3.48 -20.73 11.37
N GLY E 152 4.50 -21.49 11.75
CA GLY E 152 4.43 -22.32 12.94
C GLY E 152 3.55 -23.53 12.75
N ALA E 153 3.92 -24.39 11.81
CA ALA E 153 3.13 -25.58 11.52
C ALA E 153 3.17 -26.56 12.68
N ALA E 154 4.37 -26.74 13.25
CA ALA E 154 4.58 -27.72 14.31
C ALA E 154 3.60 -27.51 15.44
N GLU E 155 3.41 -26.25 15.82
CA GLU E 155 2.50 -25.87 16.89
C GLU E 155 1.10 -26.43 16.66
N TYR E 156 0.65 -26.43 15.40
CA TYR E 156 -0.65 -27.01 15.06
C TYR E 156 -0.68 -28.50 15.32
N TYR E 157 0.33 -29.20 14.82
CA TYR E 157 0.34 -30.66 14.86
C TYR E 157 0.49 -31.19 16.28
N ARG E 158 1.18 -30.44 17.13
CA ARG E 158 1.41 -30.84 18.51
C ARG E 158 0.08 -31.01 19.25
N ALA E 159 -0.96 -30.31 18.81
CA ALA E 159 -2.26 -30.40 19.43
C ALA E 159 -2.77 -31.83 19.39
N TYR E 160 -2.74 -32.43 18.21
CA TYR E 160 -3.15 -33.81 18.08
C TYR E 160 -2.17 -34.71 18.83
N LEU E 161 -0.89 -34.58 18.51
CA LEU E 161 0.15 -35.45 19.04
C LEU E 161 0.25 -35.44 20.56
N GLU E 162 0.29 -34.26 21.16
CA GLU E 162 0.41 -34.17 22.60
C GLU E 162 -0.87 -34.57 23.30
N GLY E 163 -2.01 -34.33 22.64
CA GLY E 163 -3.29 -34.58 23.28
C GLY E 163 -3.99 -35.81 22.75
N GLU E 164 -4.75 -35.64 21.68
CA GLU E 164 -5.69 -36.67 21.25
C GLU E 164 -5.03 -38.00 20.87
N CYS E 165 -3.78 -37.95 20.44
CA CYS E 165 -3.08 -39.15 20.01
C CYS E 165 -2.90 -40.09 21.17
N VAL E 166 -2.29 -39.58 22.24
CA VAL E 166 -1.94 -40.38 23.39
C VAL E 166 -3.15 -40.72 24.27
N GLU E 167 -4.10 -39.78 24.35
CA GLU E 167 -5.35 -39.97 25.09
C GLU E 167 -6.21 -41.09 24.51
N TRP E 168 -6.49 -41.00 23.21
CA TRP E 168 -7.34 -42.00 22.56
C TRP E 168 -6.63 -43.31 22.38
N LEU E 169 -5.31 -43.28 22.39
CA LEU E 169 -4.56 -44.53 22.40
C LEU E 169 -4.90 -45.24 23.69
N HIS E 170 -4.93 -44.50 24.79
CA HIS E 170 -5.23 -45.07 26.08
C HIS E 170 -6.60 -45.74 26.12
N ARG E 171 -7.64 -45.01 25.72
CA ARG E 171 -8.98 -45.58 25.71
C ARG E 171 -9.03 -46.83 24.82
N TYR E 172 -8.34 -46.80 23.69
CA TYR E 172 -8.30 -47.95 22.80
C TYR E 172 -7.65 -49.15 23.50
N LEU E 173 -6.58 -48.88 24.26
CA LEU E 173 -5.88 -49.96 24.95
C LEU E 173 -6.63 -50.37 26.22
N LYS E 174 -7.66 -49.59 26.58
CA LYS E 174 -8.46 -49.88 27.77
C LYS E 174 -9.34 -51.11 27.49
N ASN E 175 -9.11 -51.74 26.34
CA ASN E 175 -9.71 -53.00 26.01
C ASN E 175 -8.62 -54.07 25.97
N GLY E 176 -8.68 -55.02 26.89
CA GLY E 176 -7.67 -56.06 26.98
C GLY E 176 -6.33 -55.53 27.46
N MET F 1 -8.11 -41.87 17.93
CA MET F 1 -8.79 -41.07 16.92
C MET F 1 -7.83 -40.53 15.88
N PRO F 2 -8.25 -40.55 14.60
CA PRO F 2 -7.45 -40.01 13.50
C PRO F 2 -7.29 -38.50 13.61
N ALA F 3 -6.26 -37.94 13.00
CA ALA F 3 -6.10 -36.49 12.99
C ALA F 3 -7.01 -35.91 11.92
N GLY F 4 -7.19 -34.60 11.95
CA GLY F 4 -8.07 -33.93 11.02
C GLY F 4 -7.41 -33.76 9.67
N ARG F 5 -7.56 -32.57 9.09
CA ARG F 5 -6.90 -32.24 7.84
C ARG F 5 -5.54 -31.60 8.12
N PRO F 6 -4.48 -32.11 7.47
CA PRO F 6 -3.16 -31.49 7.66
C PRO F 6 -3.09 -30.15 6.96
N TRP F 7 -1.90 -29.55 6.95
CA TRP F 7 -1.74 -28.26 6.29
C TRP F 7 -1.58 -28.47 4.80
N ASP F 8 -1.89 -27.44 4.02
CA ASP F 8 -1.64 -27.51 2.59
C ASP F 8 -0.13 -27.56 2.34
N LEU F 9 0.26 -28.18 1.24
CA LEU F 9 1.68 -28.30 0.91
C LEU F 9 2.14 -27.16 0.00
N ALA G 5 -22.25 -24.78 17.08
CA ALA G 5 -21.19 -25.67 17.52
C ALA G 5 -20.14 -24.92 18.34
N GLN G 6 -19.66 -23.81 17.80
CA GLN G 6 -18.59 -23.08 18.45
C GLN G 6 -18.85 -21.56 18.38
N SER G 7 -18.91 -20.91 19.53
CA SER G 7 -19.12 -19.47 19.55
C SER G 7 -17.93 -18.74 20.18
N VAL G 8 -17.83 -17.45 19.91
CA VAL G 8 -16.78 -16.61 20.47
C VAL G 8 -17.40 -15.34 21.06
N THR G 9 -16.97 -14.98 22.27
CA THR G 9 -17.59 -13.86 22.96
C THR G 9 -16.58 -12.81 23.42
N GLN G 10 -16.71 -11.60 22.89
CA GLN G 10 -15.96 -10.44 23.35
C GLN G 10 -16.92 -9.53 24.11
N PRO G 11 -16.60 -9.23 25.37
CA PRO G 11 -17.56 -8.53 26.24
C PRO G 11 -17.94 -7.12 25.78
N ASP G 12 -16.99 -6.19 25.71
CA ASP G 12 -17.32 -4.81 25.41
C ASP G 12 -16.89 -4.39 24.02
N ALA G 13 -17.84 -3.90 23.24
CA ALA G 13 -17.59 -3.44 21.88
C ALA G 13 -17.07 -2.01 21.86
N ARG G 14 -16.71 -1.50 23.04
CA ARG G 14 -16.20 -0.14 23.16
C ARG G 14 -15.24 0.01 24.33
N VAL G 15 -14.01 0.44 24.05
CA VAL G 15 -12.99 0.61 25.07
C VAL G 15 -12.20 1.89 24.79
N THR G 16 -11.86 2.61 25.84
CA THR G 16 -11.04 3.83 25.74
C THR G 16 -9.99 3.86 26.84
N VAL G 17 -8.73 4.03 26.46
CA VAL G 17 -7.61 3.92 27.41
C VAL G 17 -6.57 5.01 27.18
N SER G 18 -6.11 5.63 28.27
CA SER G 18 -5.10 6.69 28.17
C SER G 18 -3.74 6.08 27.87
N GLU G 19 -2.83 6.88 27.32
CA GLU G 19 -1.47 6.43 27.01
C GLU G 19 -0.69 5.97 28.22
N GLY G 20 0.25 5.05 27.99
CA GLY G 20 1.11 4.53 29.03
C GLY G 20 0.40 3.43 29.78
N ALA G 21 -0.93 3.49 29.79
CA ALA G 21 -1.73 2.56 30.56
C ALA G 21 -1.56 1.11 30.13
N SER G 22 -1.79 0.22 31.09
CA SER G 22 -1.84 -1.21 30.82
C SER G 22 -3.13 -1.50 30.07
N LEU G 23 -3.21 -2.65 29.42
CA LEU G 23 -4.38 -2.96 28.63
C LEU G 23 -4.84 -4.40 28.83
N GLN G 24 -6.16 -4.61 28.78
CA GLN G 24 -6.72 -5.95 28.81
C GLN G 24 -8.00 -6.03 28.00
N LEU G 25 -7.93 -6.72 26.86
CA LEU G 25 -9.12 -7.05 26.09
C LEU G 25 -9.48 -8.50 26.40
N ARG G 26 -10.76 -8.81 26.39
CA ARG G 26 -11.21 -10.09 26.88
C ARG G 26 -11.87 -10.92 25.80
N CYS G 27 -11.59 -12.22 25.83
CA CYS G 27 -12.17 -13.14 24.88
C CYS G 27 -12.44 -14.47 25.59
N LYS G 28 -13.71 -14.81 25.73
CA LYS G 28 -14.10 -16.12 26.24
C LYS G 28 -14.85 -16.87 25.15
N TYR G 29 -14.51 -18.15 24.98
CA TYR G 29 -15.02 -18.92 23.85
C TYR G 29 -15.79 -20.14 24.35
N SER G 30 -16.52 -20.76 23.45
CA SER G 30 -17.30 -21.96 23.77
C SER G 30 -16.39 -23.17 23.84
N TYR G 31 -16.76 -24.18 24.63
CA TYR G 31 -15.85 -25.28 24.92
C TYR G 31 -15.33 -25.93 23.64
N SER G 32 -14.06 -26.31 23.68
CA SER G 32 -13.48 -27.25 22.73
C SER G 32 -12.27 -27.88 23.39
N ALA G 33 -11.84 -29.03 22.89
CA ALA G 33 -10.77 -29.76 23.53
C ALA G 33 -9.47 -29.20 23.02
N THR G 34 -9.33 -29.18 21.70
CA THR G 34 -8.16 -28.59 21.09
C THR G 34 -8.61 -27.40 20.24
N PRO G 35 -8.83 -26.25 20.88
CA PRO G 35 -9.26 -25.07 20.15
C PRO G 35 -8.08 -24.29 19.61
N TYR G 36 -8.24 -23.66 18.45
CA TYR G 36 -7.16 -22.87 17.87
C TYR G 36 -7.51 -21.40 18.05
N LEU G 37 -6.58 -20.61 18.58
CA LEU G 37 -6.92 -19.27 19.06
C LEU G 37 -6.12 -18.17 18.41
N PHE G 38 -6.81 -17.11 18.00
CA PHE G 38 -6.17 -16.02 17.28
C PHE G 38 -6.66 -14.66 17.72
N TRP G 39 -5.84 -13.65 17.46
CA TRP G 39 -6.22 -12.26 17.59
C TRP G 39 -5.86 -11.52 16.31
N TYR G 40 -6.82 -10.79 15.76
CA TYR G 40 -6.59 -10.01 14.56
C TYR G 40 -6.82 -8.54 14.88
N VAL G 41 -6.21 -7.65 14.11
CA VAL G 41 -6.36 -6.23 14.37
C VAL G 41 -6.59 -5.50 13.05
N GLN G 42 -7.59 -4.62 13.03
CA GLN G 42 -7.93 -3.90 11.81
C GLN G 42 -7.83 -2.39 11.98
N TYR G 43 -6.83 -1.81 11.33
CA TYR G 43 -6.61 -0.38 11.39
C TYR G 43 -7.64 0.30 10.50
N PRO G 44 -7.86 1.61 10.68
CA PRO G 44 -8.75 2.41 9.83
C PRO G 44 -8.58 2.18 8.33
N ARG G 45 -9.68 1.86 7.65
CA ARG G 45 -9.71 1.66 6.19
C ARG G 45 -8.87 0.48 5.71
N GLN G 46 -8.47 -0.40 6.62
CA GLN G 46 -7.67 -1.55 6.21
C GLN G 46 -8.49 -2.82 6.33
N GLY G 47 -7.87 -3.94 6.01
CA GLY G 47 -8.48 -5.22 6.23
C GLY G 47 -7.96 -5.74 7.54
N LEU G 48 -8.35 -6.94 7.92
CA LEU G 48 -7.84 -7.52 9.15
C LEU G 48 -6.43 -8.01 8.89
N GLN G 49 -5.67 -8.15 9.97
CA GLN G 49 -4.35 -8.73 9.88
C GLN G 49 -4.01 -9.39 11.20
N MET G 50 -3.32 -10.51 11.12
CA MET G 50 -3.07 -11.32 12.29
C MET G 50 -2.23 -10.57 13.29
N LEU G 51 -2.64 -10.65 14.55
CA LEU G 51 -1.93 -10.03 15.65
C LEU G 51 -1.26 -11.10 16.50
N LEU G 52 -2.04 -12.11 16.89
CA LEU G 52 -1.53 -13.19 17.75
C LEU G 52 -2.18 -14.53 17.41
N LYS G 53 -1.44 -15.62 17.60
CA LYS G 53 -1.94 -16.96 17.33
C LYS G 53 -1.46 -18.00 18.34
N TYR G 54 -2.35 -18.91 18.73
CA TYR G 54 -1.96 -20.00 19.63
C TYR G 54 -2.58 -21.33 19.18
N TYR G 55 -1.73 -22.33 18.98
CA TYR G 55 -2.21 -23.67 18.65
C TYR G 55 -1.93 -24.62 19.80
N SER G 56 -0.67 -24.62 20.26
CA SER G 56 -0.26 -25.44 21.39
C SER G 56 1.05 -24.99 22.01
N GLY G 57 1.38 -25.58 23.15
CA GLY G 57 2.66 -25.33 23.81
C GLY G 57 2.49 -24.41 25.00
N ASP G 58 3.50 -23.58 25.25
CA ASP G 58 3.46 -22.61 26.34
C ASP G 58 2.22 -21.75 26.13
N PRO G 59 1.34 -21.71 27.13
CA PRO G 59 0.07 -20.99 27.01
C PRO G 59 0.23 -19.48 26.86
N VAL G 60 1.42 -18.95 27.07
CA VAL G 60 1.64 -17.50 27.02
C VAL G 60 2.29 -17.08 25.70
N VAL G 61 1.54 -16.33 24.90
CA VAL G 61 1.97 -15.92 23.57
C VAL G 61 2.41 -14.45 23.54
N GLN G 62 3.63 -14.20 23.10
CA GLN G 62 4.19 -12.86 23.15
C GLN G 62 4.12 -12.14 21.81
N GLY G 63 3.78 -10.85 21.86
CA GLY G 63 3.76 -10.03 20.66
C GLY G 63 5.02 -9.20 20.59
N VAL G 64 5.43 -8.85 19.38
CA VAL G 64 6.69 -8.17 19.18
C VAL G 64 6.60 -6.76 19.74
N ASN G 65 5.42 -6.16 19.62
CA ASN G 65 5.22 -4.77 20.01
C ASN G 65 4.65 -4.60 21.41
N GLY G 66 4.77 -5.60 22.26
CA GLY G 66 4.37 -5.41 23.65
C GLY G 66 3.05 -6.07 23.98
N PHE G 67 2.35 -6.55 22.95
CA PHE G 67 1.12 -7.29 23.16
C PHE G 67 1.44 -8.67 23.71
N GLU G 68 0.55 -9.23 24.52
CA GLU G 68 0.75 -10.58 25.04
C GLU G 68 -0.60 -11.20 25.32
N ALA G 69 -0.67 -12.52 25.17
CA ALA G 69 -1.90 -13.24 25.41
C ALA G 69 -1.60 -14.50 26.21
N GLU G 70 -2.54 -14.91 27.05
CA GLU G 70 -2.40 -16.13 27.83
C GLU G 70 -3.63 -17.00 27.64
N PHE G 71 -3.41 -18.28 27.36
CA PHE G 71 -4.50 -19.23 27.14
C PHE G 71 -4.77 -20.00 28.42
N SER G 72 -6.03 -20.01 28.83
CA SER G 72 -6.43 -20.67 30.07
C SER G 72 -7.49 -21.73 29.83
N LYS G 73 -7.11 -22.99 29.97
CA LYS G 73 -8.06 -24.09 29.79
C LYS G 73 -9.17 -24.02 30.83
N SER G 74 -8.81 -23.67 32.05
CA SER G 74 -9.76 -23.62 33.15
C SER G 74 -10.83 -22.56 32.95
N ASP G 75 -10.41 -21.30 32.85
CA ASP G 75 -11.35 -20.21 32.66
C ASP G 75 -11.92 -20.26 31.25
N SER G 76 -11.28 -21.04 30.39
CA SER G 76 -11.69 -21.14 28.99
C SER G 76 -11.65 -19.75 28.37
N SER G 77 -10.45 -19.19 28.26
CA SER G 77 -10.34 -17.81 27.82
C SER G 77 -9.07 -17.52 27.06
N PHE G 78 -9.06 -16.38 26.39
CA PHE G 78 -7.91 -15.90 25.65
C PHE G 78 -7.85 -14.39 25.77
N HIS G 79 -7.10 -13.90 26.73
CA HIS G 79 -7.12 -12.47 27.02
C HIS G 79 -5.93 -11.75 26.43
N LEU G 80 -6.16 -10.52 25.98
CA LEU G 80 -5.16 -9.71 25.31
C LEU G 80 -4.65 -8.65 26.29
N ARG G 81 -3.33 -8.48 26.36
CA ARG G 81 -2.73 -7.54 27.29
C ARG G 81 -1.67 -6.66 26.66
N LYS G 82 -1.61 -5.41 27.08
CA LYS G 82 -0.48 -4.58 26.73
C LYS G 82 -0.06 -3.75 27.92
N ALA G 83 1.24 -3.73 28.19
CA ALA G 83 1.79 -3.00 29.33
C ALA G 83 1.70 -1.51 29.13
N SER G 84 2.29 -1.03 28.06
CA SER G 84 2.20 0.37 27.69
C SER G 84 1.38 0.49 26.44
N VAL G 85 0.39 1.35 26.45
CA VAL G 85 -0.45 1.53 25.28
C VAL G 85 0.05 2.72 24.49
N HIS G 86 0.18 2.55 23.19
CA HIS G 86 0.62 3.62 22.32
C HIS G 86 -0.59 4.13 21.56
N TRP G 87 -0.55 5.39 21.15
CA TRP G 87 -1.68 5.98 20.46
C TRP G 87 -1.87 5.33 19.10
N SER G 88 -0.78 4.82 18.52
CA SER G 88 -0.83 4.17 17.21
C SER G 88 -1.55 2.81 17.23
N ASP G 89 -1.73 2.26 18.42
CA ASP G 89 -2.35 0.96 18.57
C ASP G 89 -3.88 1.05 18.52
N SER G 90 -4.38 2.26 18.41
CA SER G 90 -5.82 2.49 18.39
C SER G 90 -6.46 1.85 17.17
N ALA G 91 -7.20 0.77 17.41
CA ALA G 91 -7.83 0.01 16.35
C ALA G 91 -8.87 -0.94 16.90
N VAL G 92 -9.49 -1.72 16.01
CA VAL G 92 -10.45 -2.71 16.43
C VAL G 92 -9.75 -4.06 16.54
N TYR G 93 -10.10 -4.83 17.56
CA TYR G 93 -9.42 -6.08 17.82
C TYR G 93 -10.40 -7.24 17.90
N PHE G 94 -10.24 -8.18 16.98
CA PHE G 94 -11.07 -9.36 16.94
C PHE G 94 -10.27 -10.55 17.41
N CYS G 95 -10.93 -11.48 18.09
CA CYS G 95 -10.31 -12.75 18.41
C CYS G 95 -11.04 -13.83 17.65
N ALA G 96 -10.32 -14.85 17.22
CA ALA G 96 -10.89 -15.85 16.34
C ALA G 96 -10.52 -17.26 16.81
N VAL G 97 -11.37 -18.24 16.49
CA VAL G 97 -11.14 -19.63 16.88
C VAL G 97 -11.40 -20.63 15.76
N SER G 98 -10.82 -21.83 15.92
CA SER G 98 -11.14 -22.97 15.08
C SER G 98 -10.79 -24.23 15.85
N ALA G 99 -11.50 -25.33 15.59
CA ALA G 99 -11.30 -26.57 16.35
C ALA G 99 -10.68 -27.64 15.48
N LYS G 100 -10.60 -28.86 15.98
CA LYS G 100 -10.04 -29.96 15.21
C LYS G 100 -10.90 -30.29 13.98
N GLY G 101 -10.24 -30.53 12.85
CA GLY G 101 -10.94 -30.87 11.63
C GLY G 101 -11.46 -29.67 10.88
N THR G 102 -11.56 -28.53 11.57
CA THR G 102 -12.08 -27.30 10.99
C THR G 102 -11.10 -26.15 11.16
N GLY G 103 -9.81 -26.47 11.12
CA GLY G 103 -8.75 -25.52 11.39
C GLY G 103 -8.79 -24.25 10.55
N SER G 104 -9.27 -24.36 9.32
CA SER G 104 -9.27 -23.23 8.40
C SER G 104 -10.62 -22.56 8.32
N LYS G 105 -11.46 -22.81 9.32
CA LYS G 105 -12.77 -22.19 9.43
C LYS G 105 -12.84 -21.31 10.68
N LEU G 106 -12.69 -20.00 10.51
CA LEU G 106 -12.64 -19.08 11.65
C LEU G 106 -14.00 -18.63 12.15
N SER G 107 -14.15 -18.62 13.48
CA SER G 107 -15.29 -18.00 14.14
C SER G 107 -14.79 -16.72 14.78
N PHE G 108 -15.23 -15.58 14.28
CA PHE G 108 -14.70 -14.30 14.76
C PHE G 108 -15.51 -13.73 15.91
N GLY G 109 -14.81 -13.14 16.87
CA GLY G 109 -15.43 -12.44 17.97
C GLY G 109 -16.06 -11.16 17.48
N LYS G 110 -16.80 -10.48 18.34
CA LYS G 110 -17.55 -9.30 17.91
C LYS G 110 -16.58 -8.17 17.57
N GLY G 111 -15.43 -8.15 18.25
CA GLY G 111 -14.44 -7.12 18.02
C GLY G 111 -14.49 -6.09 19.12
N ALA G 112 -13.38 -5.40 19.35
CA ALA G 112 -13.35 -4.41 20.41
C ALA G 112 -12.62 -3.18 19.93
N LYS G 113 -13.37 -2.08 19.85
CA LYS G 113 -12.82 -0.81 19.38
C LYS G 113 -12.07 -0.10 20.48
N LEU G 114 -10.81 0.21 20.21
CA LEU G 114 -9.95 0.84 21.19
C LEU G 114 -9.66 2.26 20.77
N THR G 115 -10.15 3.21 21.55
CA THR G 115 -9.83 4.60 21.32
C THR G 115 -8.83 5.00 22.38
N VAL G 116 -7.56 5.12 22.00
CA VAL G 116 -6.54 5.45 22.97
C VAL G 116 -6.53 6.96 23.20
N SER G 117 -6.97 7.38 24.39
CA SER G 117 -7.01 8.81 24.73
C SER G 117 -5.60 9.34 24.84
N PRO G 118 -5.26 10.35 24.03
CA PRO G 118 -3.94 10.99 24.04
C PRO G 118 -3.73 11.86 25.28
N ASN G 119 -2.51 11.87 25.81
CA ASN G 119 -2.20 12.68 26.97
C ASN G 119 -1.64 14.03 26.55
N ILE G 120 -2.44 15.09 26.64
CA ILE G 120 -1.93 16.39 26.23
C ILE G 120 -1.48 17.18 27.45
N GLN G 121 -0.28 17.73 27.36
CA GLN G 121 0.41 18.40 28.46
C GLN G 121 0.10 19.89 28.54
N ASN G 122 -0.17 20.51 27.40
CA ASN G 122 -0.40 21.94 27.37
C ASN G 122 -1.80 22.27 26.84
N PRO G 123 -2.83 21.91 27.63
CA PRO G 123 -4.18 22.18 27.14
C PRO G 123 -4.47 23.66 27.13
N ASP G 124 -5.06 24.14 26.05
CA ASP G 124 -5.47 25.53 25.96
C ASP G 124 -6.89 25.53 25.44
N PRO G 125 -7.84 25.13 26.30
CA PRO G 125 -9.25 24.99 25.92
C PRO G 125 -9.73 26.26 25.26
N ALA G 126 -10.41 26.15 24.14
CA ALA G 126 -10.88 27.34 23.44
C ALA G 126 -12.01 27.00 22.49
N VAL G 127 -12.77 28.02 22.13
CA VAL G 127 -13.87 27.87 21.19
C VAL G 127 -13.80 29.00 20.18
N TYR G 128 -13.89 28.65 18.91
CA TYR G 128 -13.85 29.66 17.87
C TYR G 128 -15.03 29.49 16.93
N GLN G 129 -15.38 30.58 16.23
CA GLN G 129 -16.49 30.54 15.30
C GLN G 129 -15.94 30.77 13.90
N LEU G 130 -16.08 29.76 13.04
CA LEU G 130 -15.45 29.80 11.74
C LEU G 130 -16.43 30.27 10.66
N ARG G 131 -15.95 31.08 9.72
CA ARG G 131 -16.80 31.63 8.67
C ARG G 131 -16.65 30.87 7.36
N ASP G 132 -17.72 30.83 6.57
CA ASP G 132 -17.66 30.14 5.29
C ASP G 132 -16.80 30.91 4.32
N SER G 133 -16.17 30.18 3.40
CA SER G 133 -15.34 30.78 2.37
C SER G 133 -16.19 31.63 1.41
N LYS G 134 -17.17 30.98 0.77
CA LYS G 134 -18.06 31.66 -0.15
C LYS G 134 -18.98 32.64 0.56
N SER G 135 -19.87 32.11 1.39
CA SER G 135 -20.86 32.89 2.10
C SER G 135 -20.25 33.64 3.26
N SER G 136 -20.42 34.95 3.26
CA SER G 136 -19.93 35.78 4.33
C SER G 136 -21.05 35.96 5.35
N ASP G 137 -21.76 34.87 5.59
CA ASP G 137 -22.87 34.82 6.55
C ASP G 137 -22.79 33.58 7.43
N LYS G 138 -22.97 32.42 6.81
CA LYS G 138 -23.07 31.14 7.52
C LYS G 138 -21.83 30.83 8.32
N SER G 139 -21.99 29.97 9.32
CA SER G 139 -20.89 29.63 10.20
C SER G 139 -21.17 28.38 11.03
N VAL G 140 -20.13 27.94 11.72
CA VAL G 140 -20.14 26.76 12.56
C VAL G 140 -19.13 26.98 13.68
N CYS G 141 -19.42 26.46 14.86
CA CYS G 141 -18.53 26.67 15.99
C CYS G 141 -17.73 25.40 16.29
N LEU G 142 -16.49 25.58 16.74
CA LEU G 142 -15.66 24.45 17.12
C LEU G 142 -15.17 24.58 18.56
N PHE G 143 -14.74 23.46 19.11
CA PHE G 143 -14.20 23.41 20.46
C PHE G 143 -12.91 22.61 20.40
N THR G 144 -11.80 23.20 20.84
CA THR G 144 -10.50 22.57 20.61
C THR G 144 -9.50 22.58 21.76
N ASP G 145 -8.34 22.00 21.47
CA ASP G 145 -7.19 21.93 22.38
C ASP G 145 -7.51 21.44 23.79
N PHE G 146 -8.69 20.85 23.98
CA PHE G 146 -9.06 20.28 25.26
C PHE G 146 -8.38 18.93 25.44
N ASP G 147 -8.53 18.33 26.63
CA ASP G 147 -7.87 17.08 26.90
C ASP G 147 -8.71 15.94 26.37
N SER G 148 -8.11 14.78 26.23
CA SER G 148 -8.84 13.61 25.79
C SER G 148 -9.83 13.27 26.89
N GLN G 149 -9.46 13.64 28.12
CA GLN G 149 -10.21 13.25 29.30
C GLN G 149 -11.60 13.89 29.35
N THR G 150 -11.74 15.11 28.83
CA THR G 150 -13.07 15.72 28.81
C THR G 150 -13.95 14.89 27.87
N ASN G 151 -15.25 14.94 28.08
CA ASN G 151 -16.12 14.10 27.27
C ASN G 151 -17.31 14.88 26.73
N VAL G 152 -17.33 15.02 25.41
CA VAL G 152 -18.38 15.78 24.73
C VAL G 152 -19.71 15.05 24.88
N SER G 153 -20.73 15.83 25.17
CA SER G 153 -22.06 15.29 25.40
C SER G 153 -22.97 15.78 24.28
N GLN G 154 -23.81 14.87 23.77
CA GLN G 154 -24.66 15.14 22.63
C GLN G 154 -25.62 16.30 22.83
N SER G 155 -26.22 16.75 21.73
CA SER G 155 -27.10 17.91 21.74
C SER G 155 -28.34 17.71 22.63
N LYS G 156 -28.51 18.60 23.60
CA LYS G 156 -29.73 18.63 24.37
C LYS G 156 -30.84 19.23 23.51
N ASP G 157 -30.48 20.19 22.67
CA ASP G 157 -31.43 20.94 21.84
C ASP G 157 -32.11 20.14 20.73
N SER G 158 -31.36 19.24 20.10
CA SER G 158 -31.86 18.37 19.03
C SER G 158 -32.44 19.11 17.81
N ASP G 159 -32.22 20.41 17.73
CA ASP G 159 -32.41 21.15 16.49
C ASP G 159 -31.00 21.41 15.98
N VAL G 160 -30.05 20.91 16.74
CA VAL G 160 -28.65 21.26 16.60
C VAL G 160 -27.74 20.05 16.48
N TYR G 161 -26.65 20.23 15.73
CA TYR G 161 -25.75 19.13 15.42
C TYR G 161 -24.42 19.24 16.14
N ILE G 162 -23.84 18.09 16.42
CA ILE G 162 -22.61 18.01 17.21
C ILE G 162 -21.80 16.77 16.83
N THR G 163 -20.51 16.96 16.63
CA THR G 163 -19.62 15.88 16.27
C THR G 163 -18.75 15.50 17.46
N ASP G 164 -18.49 14.21 17.64
CA ASP G 164 -17.67 13.75 18.74
C ASP G 164 -16.22 14.22 18.56
N LYS G 165 -15.44 14.14 19.63
CA LYS G 165 -14.07 14.61 19.61
C LYS G 165 -13.26 13.80 18.60
N CYS G 166 -12.35 14.47 17.90
CA CYS G 166 -11.48 13.76 16.97
C CYS G 166 -10.06 14.27 17.11
N VAL G 167 -9.14 13.41 17.52
CA VAL G 167 -7.74 13.79 17.61
C VAL G 167 -7.11 13.77 16.23
N LEU G 168 -6.42 14.85 15.89
CA LEU G 168 -5.65 14.92 14.67
C LEU G 168 -4.20 15.07 15.07
N ASP G 169 -3.28 14.62 14.23
CA ASP G 169 -1.87 14.67 14.58
C ASP G 169 -1.07 15.20 13.41
N MET G 170 -0.18 16.15 13.72
CA MET G 170 0.74 16.69 12.74
C MET G 170 2.14 16.15 12.96
N ARG G 171 2.55 15.16 12.17
CA ARG G 171 3.89 14.62 12.31
C ARG G 171 4.89 15.72 11.98
N SER G 172 4.46 16.68 11.19
CA SER G 172 5.27 17.84 10.86
C SER G 172 5.78 18.54 12.13
N MET G 173 4.98 18.49 13.19
CA MET G 173 5.31 19.19 14.41
C MET G 173 5.16 18.31 15.65
N ASP G 174 4.79 17.05 15.43
CA ASP G 174 4.47 16.11 16.51
C ASP G 174 3.66 16.84 17.57
N PHE G 175 2.45 17.24 17.22
CA PHE G 175 1.64 18.07 18.08
C PHE G 175 0.20 17.60 18.01
N LYS G 176 -0.33 17.16 19.14
CA LYS G 176 -1.70 16.63 19.17
C LYS G 176 -2.67 17.63 19.82
N SER G 177 -3.91 17.62 19.34
CA SER G 177 -4.96 18.49 19.87
C SER G 177 -6.33 17.92 19.57
N ASN G 178 -7.18 17.84 20.58
CA ASN G 178 -8.54 17.37 20.36
C ASN G 178 -9.38 18.46 19.76
N SER G 179 -10.50 18.10 19.18
CA SER G 179 -11.36 19.05 18.51
C SER G 179 -12.78 18.50 18.41
N ALA G 180 -13.76 19.38 18.56
CA ALA G 180 -15.15 19.01 18.41
C ALA G 180 -15.85 20.11 17.65
N VAL G 181 -16.85 19.76 16.85
CA VAL G 181 -17.50 20.72 15.98
C VAL G 181 -19.03 20.61 16.09
N ALA G 182 -19.66 21.76 16.28
CA ALA G 182 -21.11 21.86 16.36
C ALA G 182 -21.61 22.93 15.42
N TRP G 183 -22.85 22.79 14.97
CA TRP G 183 -23.42 23.68 13.97
C TRP G 183 -24.90 23.42 13.78
N SER G 184 -25.58 24.37 13.16
CA SER G 184 -26.97 24.20 12.74
C SER G 184 -27.23 25.18 11.64
N ASN G 185 -28.25 24.93 10.85
CA ASN G 185 -28.67 25.88 9.84
C ASN G 185 -29.16 27.16 10.49
N LYS G 186 -29.82 26.98 11.62
CA LYS G 186 -30.54 28.06 12.30
C LYS G 186 -29.79 29.39 12.20
N SER G 187 -30.50 30.46 11.84
CA SER G 187 -29.92 31.78 11.75
C SER G 187 -29.34 32.14 13.11
N ASP G 188 -30.09 31.76 14.15
CA ASP G 188 -29.69 32.04 15.50
C ASP G 188 -28.85 30.89 16.06
N PHE G 189 -27.68 31.26 16.55
CA PHE G 189 -26.75 30.29 17.10
C PHE G 189 -25.64 31.05 17.83
N ALA G 190 -25.19 30.50 18.95
CA ALA G 190 -24.04 31.04 19.66
C ALA G 190 -23.28 29.89 20.28
N CYS G 191 -21.98 30.10 20.47
CA CYS G 191 -21.16 29.06 21.08
C CYS G 191 -21.69 28.63 22.44
N ALA G 192 -22.15 29.60 23.23
CA ALA G 192 -22.53 29.35 24.61
C ALA G 192 -23.63 28.30 24.72
N ASN G 193 -24.70 28.49 23.95
CA ASN G 193 -25.80 27.53 23.95
C ASN G 193 -25.32 26.20 23.40
N ALA G 194 -24.42 26.30 22.42
CA ALA G 194 -23.75 25.12 21.89
C ALA G 194 -22.90 24.52 23.00
N PHE G 195 -22.71 23.20 22.93
CA PHE G 195 -22.04 22.49 24.00
C PHE G 195 -22.71 22.87 25.32
N ASN G 196 -24.04 22.76 25.34
CA ASN G 196 -24.85 23.16 26.48
C ASN G 196 -24.62 22.27 27.69
N ASN G 197 -23.86 21.20 27.46
CA ASN G 197 -23.58 20.22 28.49
C ASN G 197 -22.09 19.91 28.55
N GLU G 202 -11.78 26.97 31.21
CA GLU G 202 -10.64 27.79 30.83
C GLU G 202 -10.63 28.08 29.34
N ASP G 203 -11.79 28.39 28.78
CA ASP G 203 -11.92 28.58 27.34
C ASP G 203 -11.91 30.04 26.90
N THR G 204 -10.95 30.39 26.06
CA THR G 204 -10.76 31.78 25.61
C THR G 204 -11.69 32.08 24.43
N PHE G 205 -12.04 33.35 24.25
CA PHE G 205 -12.95 33.75 23.20
C PHE G 205 -12.41 34.90 22.37
N ALA H 5 -1.17 -10.56 -0.07
CA ALA H 5 -1.64 -9.67 -1.12
C ALA H 5 -2.95 -10.17 -1.74
N VAL H 6 -4.07 -9.71 -1.18
CA VAL H 6 -5.40 -10.04 -1.70
C VAL H 6 -6.06 -8.78 -2.28
N THR H 7 -6.58 -8.88 -3.50
CA THR H 7 -7.15 -7.71 -4.18
C THR H 7 -8.62 -7.95 -4.52
N GLN H 8 -9.47 -6.97 -4.23
CA GLN H 8 -10.88 -7.11 -4.56
C GLN H 8 -11.40 -5.87 -5.27
N SER H 9 -12.34 -6.10 -6.19
CA SER H 9 -12.94 -5.03 -6.98
C SER H 9 -14.36 -5.43 -7.37
N PRO H 10 -15.28 -4.46 -7.40
CA PRO H 10 -15.13 -3.03 -7.10
C PRO H 10 -15.05 -2.72 -5.60
N ARG H 11 -14.47 -1.58 -5.25
CA ARG H 11 -14.33 -1.15 -3.86
C ARG H 11 -15.59 -0.49 -3.28
N ASN H 12 -16.35 0.16 -4.15
CA ASN H 12 -17.62 0.79 -3.80
C ASN H 12 -18.63 0.62 -4.93
N LYS H 13 -19.84 0.17 -4.61
CA LYS H 13 -20.88 0.10 -5.62
C LYS H 13 -22.25 0.39 -5.03
N VAL H 14 -22.99 1.26 -5.70
CA VAL H 14 -24.34 1.60 -5.27
C VAL H 14 -25.34 0.94 -6.21
N THR H 15 -26.37 0.33 -5.64
CA THR H 15 -27.41 -0.29 -6.44
C THR H 15 -28.80 -0.14 -5.80
N VAL H 16 -29.80 -0.70 -6.46
CA VAL H 16 -31.19 -0.57 -6.03
C VAL H 16 -31.76 -1.97 -5.78
N THR H 17 -32.83 -2.03 -5.00
CA THR H 17 -33.49 -3.29 -4.65
C THR H 17 -33.89 -4.12 -5.86
N GLY H 18 -33.34 -5.33 -5.95
CA GLY H 18 -33.70 -6.23 -7.04
C GLY H 18 -32.66 -6.34 -8.15
N GLY H 19 -31.56 -5.60 -8.00
CA GLY H 19 -30.52 -5.62 -9.01
C GLY H 19 -29.67 -6.88 -8.99
N ASN H 20 -28.66 -6.91 -9.85
CA ASN H 20 -27.76 -8.06 -9.96
C ASN H 20 -26.30 -7.59 -9.88
N VAL H 21 -25.57 -8.09 -8.89
CA VAL H 21 -24.21 -7.62 -8.61
C VAL H 21 -23.22 -8.76 -8.36
N THR H 22 -22.02 -8.66 -8.94
CA THR H 22 -20.98 -9.68 -8.80
C THR H 22 -19.68 -9.11 -8.22
N LEU H 23 -19.18 -9.74 -7.16
CA LEU H 23 -17.94 -9.30 -6.52
C LEU H 23 -16.75 -10.22 -6.80
N SER H 24 -15.60 -9.60 -7.03
CA SER H 24 -14.41 -10.34 -7.40
C SER H 24 -13.30 -10.16 -6.37
N CYS H 25 -12.55 -11.24 -6.15
CA CYS H 25 -11.42 -11.18 -5.25
C CYS H 25 -10.24 -11.93 -5.85
N ARG H 26 -9.08 -11.28 -5.81
CA ARG H 26 -7.88 -11.85 -6.37
C ARG H 26 -6.76 -11.89 -5.36
N GLN H 27 -6.17 -13.07 -5.22
CA GLN H 27 -5.03 -13.28 -4.38
C GLN H 27 -3.91 -13.91 -5.20
N THR H 28 -2.83 -13.13 -5.39
CA THR H 28 -1.67 -13.59 -6.13
C THR H 28 -1.02 -14.79 -5.47
N ASN H 29 -1.27 -14.94 -4.17
CA ASN H 29 -0.79 -16.09 -3.43
C ASN H 29 -1.37 -17.38 -3.98
N SER H 30 -0.79 -18.50 -3.55
CA SER H 30 -1.22 -19.81 -4.01
C SER H 30 -2.15 -20.44 -2.98
N HIS H 31 -2.85 -19.59 -2.24
CA HIS H 31 -3.76 -20.06 -1.20
C HIS H 31 -4.91 -20.86 -1.78
N ASN H 32 -5.17 -22.00 -1.16
CA ASN H 32 -6.23 -22.88 -1.62
C ASN H 32 -7.55 -22.55 -0.96
N TYR H 33 -7.50 -21.77 0.11
CA TYR H 33 -8.73 -21.33 0.74
C TYR H 33 -9.02 -19.90 0.37
N MET H 34 -10.23 -19.66 -0.10
CA MET H 34 -10.71 -18.30 -0.27
C MET H 34 -12.03 -18.18 0.47
N TYR H 35 -12.34 -16.97 0.91
CA TYR H 35 -13.47 -16.74 1.80
C TYR H 35 -14.26 -15.51 1.42
N TRP H 36 -15.54 -15.51 1.74
CA TRP H 36 -16.34 -14.30 1.63
C TRP H 36 -17.05 -14.02 2.95
N TYR H 37 -16.73 -12.86 3.55
CA TYR H 37 -17.36 -12.46 4.81
C TYR H 37 -18.15 -11.18 4.58
N ARG H 38 -19.12 -10.92 5.44
CA ARG H 38 -19.78 -9.63 5.41
C ARG H 38 -19.79 -9.01 6.81
N GLN H 39 -19.27 -7.80 6.90
CA GLN H 39 -19.24 -7.10 8.17
C GLN H 39 -20.37 -6.11 8.22
N ASP H 40 -21.07 -6.07 9.34
CA ASP H 40 -22.12 -5.10 9.53
C ASP H 40 -21.96 -4.45 10.89
N THR H 41 -22.43 -3.22 11.01
CA THR H 41 -22.44 -2.57 12.30
C THR H 41 -23.52 -3.25 13.14
N GLY H 42 -23.19 -3.57 14.38
CA GLY H 42 -24.16 -4.24 15.23
C GLY H 42 -24.13 -5.74 15.06
N HIS H 43 -23.32 -6.24 14.10
CA HIS H 43 -23.31 -7.68 13.85
C HIS H 43 -21.96 -8.28 13.48
N GLY H 44 -20.92 -7.46 13.39
CA GLY H 44 -19.59 -7.96 13.06
C GLY H 44 -19.51 -8.78 11.77
N LEU H 45 -18.65 -9.79 11.78
CA LEU H 45 -18.36 -10.58 10.58
C LEU H 45 -19.12 -11.89 10.49
N ARG H 46 -19.83 -12.07 9.39
CA ARG H 46 -20.49 -13.34 9.11
C ARG H 46 -19.93 -13.96 7.84
N LEU H 47 -19.49 -15.21 7.93
CA LEU H 47 -18.97 -15.91 6.78
C LEU H 47 -20.12 -16.24 5.84
N ILE H 48 -19.88 -16.08 4.54
CA ILE H 48 -20.92 -16.28 3.55
C ILE H 48 -20.66 -17.54 2.75
N HIS H 49 -19.52 -17.58 2.09
CA HIS H 49 -19.14 -18.75 1.34
C HIS H 49 -17.63 -18.89 1.45
N TYR H 50 -17.10 -20.08 1.21
CA TYR H 50 -15.67 -20.24 1.10
C TYR H 50 -15.37 -21.46 0.26
N SER H 51 -14.12 -21.65 -0.11
CA SER H 51 -13.78 -22.74 -1.00
C SER H 51 -12.39 -23.29 -0.71
N TYR H 52 -12.23 -24.59 -0.95
CA TYR H 52 -10.94 -25.21 -0.86
C TYR H 52 -10.52 -25.70 -2.23
N GLY H 53 -9.91 -24.81 -3.02
CA GLY H 53 -9.44 -25.17 -4.34
C GLY H 53 -10.37 -24.76 -5.47
N ALA H 54 -9.81 -24.66 -6.67
CA ALA H 54 -10.56 -24.24 -7.85
C ALA H 54 -11.79 -25.13 -8.07
N GLY H 55 -12.95 -24.50 -8.20
CA GLY H 55 -14.18 -25.22 -8.46
C GLY H 55 -14.93 -25.65 -7.22
N ASN H 56 -14.21 -25.92 -6.13
CA ASN H 56 -14.83 -26.34 -4.89
C ASN H 56 -15.65 -25.21 -4.28
N LEU H 57 -16.74 -25.56 -3.61
CA LEU H 57 -17.60 -24.58 -2.96
C LEU H 57 -18.16 -25.15 -1.67
N GLN H 58 -18.01 -24.40 -0.58
CA GLN H 58 -18.53 -24.82 0.72
C GLN H 58 -19.38 -23.70 1.29
N ILE H 59 -20.44 -24.07 1.99
CA ILE H 59 -21.41 -23.09 2.46
C ILE H 59 -20.90 -22.41 3.73
N GLY H 60 -21.25 -21.13 3.88
CA GLY H 60 -20.87 -20.37 5.05
C GLY H 60 -22.01 -20.34 6.05
N ASP H 61 -22.08 -19.26 6.84
CA ASP H 61 -23.10 -19.16 7.89
C ASP H 61 -24.36 -18.47 7.41
N VAL H 62 -24.22 -17.57 6.43
CA VAL H 62 -25.37 -16.86 5.89
C VAL H 62 -25.39 -16.85 4.36
N PRO H 63 -25.54 -18.03 3.75
CA PRO H 63 -25.49 -18.18 2.29
C PRO H 63 -26.79 -17.77 1.59
N ASP H 64 -27.76 -17.33 2.38
CA ASP H 64 -29.08 -16.96 1.84
C ASP H 64 -29.01 -15.78 0.86
N GLY H 65 -29.34 -16.05 -0.40
CA GLY H 65 -29.38 -15.05 -1.44
C GLY H 65 -28.02 -14.82 -2.08
N TYR H 66 -27.02 -15.56 -1.61
CA TYR H 66 -25.68 -15.42 -2.13
C TYR H 66 -25.25 -16.65 -2.90
N LYS H 67 -24.45 -16.43 -3.92
CA LYS H 67 -23.84 -17.52 -4.64
C LYS H 67 -22.37 -17.22 -4.85
N ALA H 68 -21.58 -18.26 -5.05
CA ALA H 68 -20.15 -18.07 -5.23
C ALA H 68 -19.63 -19.02 -6.30
N THR H 69 -18.60 -18.57 -7.01
CA THR H 69 -17.97 -19.40 -8.03
C THR H 69 -16.46 -19.32 -7.94
N ARG H 70 -15.82 -20.47 -7.88
CA ARG H 70 -14.36 -20.51 -7.84
C ARG H 70 -13.86 -20.97 -9.19
N THR H 71 -13.61 -20.02 -10.08
CA THR H 71 -13.22 -20.33 -11.45
C THR H 71 -11.81 -20.88 -11.49
N THR H 72 -10.89 -20.18 -10.85
CA THR H 72 -9.51 -20.60 -10.77
C THR H 72 -9.09 -20.66 -9.32
N GLN H 73 -7.83 -20.96 -9.10
CA GLN H 73 -7.27 -20.99 -7.76
C GLN H 73 -7.21 -19.60 -7.13
N GLU H 74 -7.13 -18.58 -7.97
CA GLU H 74 -6.98 -17.21 -7.51
C GLU H 74 -8.27 -16.39 -7.60
N ASP H 75 -9.23 -16.84 -8.39
CA ASP H 75 -10.44 -16.06 -8.60
C ASP H 75 -11.65 -16.60 -7.84
N PHE H 76 -12.32 -15.72 -7.12
CA PHE H 76 -13.46 -16.10 -6.29
C PHE H 76 -14.53 -15.03 -6.34
N PHE H 77 -15.75 -15.43 -6.70
CA PHE H 77 -16.79 -14.45 -6.93
C PHE H 77 -17.97 -14.64 -5.97
N LEU H 78 -18.55 -13.53 -5.54
CA LEU H 78 -19.75 -13.56 -4.73
C LEU H 78 -20.93 -13.09 -5.56
N LEU H 79 -21.86 -13.98 -5.81
CA LEU H 79 -22.94 -13.70 -6.76
C LEU H 79 -24.24 -13.35 -6.06
N LEU H 80 -24.74 -12.16 -6.38
CA LEU H 80 -26.02 -11.71 -5.88
C LEU H 80 -27.00 -11.53 -7.04
N GLU H 81 -27.69 -12.61 -7.40
CA GLU H 81 -28.57 -12.58 -8.55
C GLU H 81 -29.77 -11.68 -8.28
N LEU H 82 -30.05 -11.48 -6.99
CA LEU H 82 -31.18 -10.65 -6.57
C LEU H 82 -30.75 -9.77 -5.43
N ALA H 83 -30.94 -8.48 -5.57
CA ALA H 83 -30.53 -7.56 -4.54
C ALA H 83 -31.67 -7.30 -3.57
N SER H 84 -31.30 -7.13 -2.30
CA SER H 84 -32.24 -6.73 -1.27
C SER H 84 -31.51 -5.80 -0.30
N PRO H 85 -32.22 -4.79 0.21
CA PRO H 85 -31.63 -3.74 1.06
C PRO H 85 -30.91 -4.26 2.31
N SER H 86 -31.19 -5.49 2.72
CA SER H 86 -30.58 -6.08 3.92
C SER H 86 -29.13 -6.47 3.67
N GLN H 87 -28.81 -6.64 2.39
CA GLN H 87 -27.47 -7.06 1.97
C GLN H 87 -26.60 -5.83 1.80
N THR H 88 -27.13 -4.67 2.21
CA THR H 88 -26.34 -3.47 2.32
C THR H 88 -25.27 -3.74 3.36
N SER H 89 -24.01 -3.85 2.92
CA SER H 89 -22.94 -4.18 3.85
C SER H 89 -21.57 -3.82 3.34
N LEU H 90 -20.56 -4.27 4.08
CA LEU H 90 -19.18 -4.15 3.69
C LEU H 90 -18.63 -5.57 3.58
N TYR H 91 -18.21 -5.95 2.37
CA TYR H 91 -17.86 -7.34 2.10
C TYR H 91 -16.36 -7.53 2.03
N PHE H 92 -15.90 -8.66 2.54
CA PHE H 92 -14.48 -8.96 2.59
C PHE H 92 -14.14 -10.28 1.96
N CYS H 93 -13.08 -10.27 1.15
CA CYS H 93 -12.54 -11.48 0.62
C CYS H 93 -11.39 -11.86 1.51
N ALA H 94 -11.03 -13.14 1.49
CA ALA H 94 -9.92 -13.59 2.29
C ALA H 94 -9.25 -14.76 1.60
N SER H 95 -8.02 -15.04 2.01
CA SER H 95 -7.32 -16.21 1.51
C SER H 95 -6.51 -16.78 2.65
N SER H 96 -6.37 -18.10 2.67
CA SER H 96 -5.60 -18.76 3.72
C SER H 96 -4.95 -19.99 3.19
N ASP H 97 -3.74 -20.23 3.65
CA ASP H 97 -2.98 -21.42 3.30
C ASP H 97 -2.84 -22.30 4.52
N ALA H 98 -3.06 -21.68 5.68
CA ALA H 98 -2.91 -22.34 6.96
C ALA H 98 -4.19 -22.17 7.78
N PRO H 99 -4.43 -23.09 8.73
CA PRO H 99 -5.61 -23.01 9.58
C PRO H 99 -5.71 -21.68 10.31
N GLY H 100 -6.75 -20.92 10.03
CA GLY H 100 -7.02 -19.70 10.75
C GLY H 100 -6.19 -18.49 10.39
N GLN H 101 -5.20 -18.66 9.52
CA GLN H 101 -4.35 -17.53 9.13
C GLN H 101 -4.81 -16.96 7.79
N LEU H 102 -5.54 -15.84 7.86
CA LEU H 102 -6.27 -15.32 6.73
C LEU H 102 -5.72 -13.99 6.25
N TYR H 103 -5.87 -13.73 4.95
CA TYR H 103 -5.36 -12.52 4.36
C TYR H 103 -6.52 -11.79 3.71
N PHE H 104 -6.72 -10.54 4.08
CA PHE H 104 -7.93 -9.83 3.69
C PHE H 104 -7.70 -8.75 2.66
N GLY H 105 -8.73 -8.52 1.85
CA GLY H 105 -8.74 -7.39 0.94
C GLY H 105 -9.12 -6.19 1.76
N GLU H 106 -9.24 -5.04 1.11
CA GLU H 106 -9.48 -3.79 1.82
C GLU H 106 -10.96 -3.47 1.98
N GLY H 107 -11.80 -4.34 1.45
CA GLY H 107 -13.23 -4.23 1.60
C GLY H 107 -13.95 -3.53 0.45
N SER H 108 -15.14 -4.06 0.14
CA SER H 108 -16.04 -3.50 -0.86
C SER H 108 -17.31 -3.03 -0.19
N LYS H 109 -17.67 -1.77 -0.35
CA LYS H 109 -18.86 -1.25 0.32
C LYS H 109 -20.08 -1.27 -0.56
N LEU H 110 -21.12 -1.99 -0.13
CA LEU H 110 -22.33 -2.13 -0.91
C LEU H 110 -23.47 -1.33 -0.32
N THR H 111 -24.26 -0.71 -1.19
CA THR H 111 -25.46 -0.01 -0.78
C THR H 111 -26.62 -0.42 -1.68
N VAL H 112 -27.60 -1.12 -1.12
CA VAL H 112 -28.77 -1.51 -1.89
C VAL H 112 -29.96 -0.66 -1.46
N LEU H 113 -30.58 0.02 -2.42
CA LEU H 113 -31.58 1.03 -2.12
C LEU H 113 -33.02 0.56 -2.28
N GLU H 114 -33.89 1.13 -1.46
CA GLU H 114 -35.33 0.93 -1.59
C GLU H 114 -35.94 1.93 -2.54
N ASP H 115 -35.73 3.21 -2.25
CA ASP H 115 -36.29 4.24 -3.09
C ASP H 115 -35.24 5.25 -3.50
N LEU H 116 -35.35 5.70 -4.74
CA LEU H 116 -34.37 6.57 -5.37
C LEU H 116 -34.78 8.04 -5.26
N LYS H 117 -35.98 8.31 -4.78
CA LYS H 117 -36.42 9.69 -4.64
C LYS H 117 -35.65 10.28 -3.47
N ASN H 118 -35.35 9.42 -2.51
CA ASN H 118 -34.69 9.81 -1.28
C ASN H 118 -33.17 9.85 -1.43
N VAL H 119 -32.68 9.72 -2.65
CA VAL H 119 -31.24 9.69 -2.93
C VAL H 119 -30.75 11.11 -3.09
N PHE H 120 -29.71 11.48 -2.35
CA PHE H 120 -29.23 12.85 -2.44
C PHE H 120 -27.71 12.98 -2.51
N PRO H 121 -27.22 13.89 -3.37
CA PRO H 121 -25.83 14.30 -3.41
C PRO H 121 -25.58 15.26 -2.25
N PRO H 122 -24.32 15.42 -1.83
CA PRO H 122 -23.97 16.27 -0.69
C PRO H 122 -23.83 17.76 -1.00
N GLU H 123 -24.02 18.58 0.02
CA GLU H 123 -23.66 19.99 -0.06
C GLU H 123 -22.42 20.17 0.80
N VAL H 124 -21.39 20.78 0.23
CA VAL H 124 -20.09 20.83 0.88
C VAL H 124 -19.61 22.26 1.10
N ALA H 125 -19.09 22.53 2.28
CA ALA H 125 -18.57 23.86 2.59
C ALA H 125 -17.30 23.75 3.42
N VAL H 126 -16.43 24.74 3.27
CA VAL H 126 -15.19 24.80 4.03
C VAL H 126 -15.27 26.04 4.89
N PHE H 127 -14.82 25.94 6.14
CA PHE H 127 -14.90 27.11 7.02
C PHE H 127 -13.52 27.52 7.51
N GLU H 128 -13.18 28.79 7.27
CA GLU H 128 -11.83 29.29 7.50
C GLU H 128 -11.53 29.38 8.97
N PRO H 129 -10.24 29.38 9.33
CA PRO H 129 -9.86 29.57 10.74
C PRO H 129 -10.35 30.88 11.32
N SER H 130 -10.21 31.06 12.63
CA SER H 130 -10.59 32.31 13.26
C SER H 130 -9.29 32.99 13.62
N GLU H 131 -9.22 34.31 13.42
CA GLU H 131 -8.04 35.07 13.80
C GLU H 131 -7.78 34.90 15.29
N ALA H 132 -8.84 34.58 16.03
CA ALA H 132 -8.73 34.30 17.44
C ALA H 132 -7.72 33.17 17.64
N GLU H 133 -7.92 32.08 16.91
CA GLU H 133 -7.07 30.92 17.03
C GLU H 133 -5.60 31.23 16.74
N ILE H 134 -5.36 31.96 15.64
CA ILE H 134 -3.99 32.32 15.26
C ILE H 134 -3.27 33.11 16.34
N SER H 135 -3.91 34.15 16.83
CA SER H 135 -3.34 34.94 17.91
C SER H 135 -3.14 34.08 19.14
N HIS H 136 -4.14 33.26 19.45
CA HIS H 136 -4.11 32.50 20.69
C HIS H 136 -3.19 31.30 20.56
N THR H 137 -3.55 30.37 19.68
CA THR H 137 -2.87 29.09 19.60
C THR H 137 -1.81 29.01 18.50
N GLN H 138 -1.41 30.17 17.96
CA GLN H 138 -0.36 30.30 16.93
C GLN H 138 -0.49 29.33 15.74
N LYS H 139 -1.71 28.82 15.54
CA LYS H 139 -1.98 27.84 14.50
C LYS H 139 -3.35 28.09 13.89
N ALA H 140 -3.63 27.47 12.74
CA ALA H 140 -4.88 27.72 12.06
C ALA H 140 -5.64 26.42 11.83
N THR H 141 -6.96 26.50 11.77
CA THR H 141 -7.80 25.31 11.65
C THR H 141 -8.95 25.52 10.69
N LEU H 142 -9.19 24.56 9.82
CA LEU H 142 -10.28 24.64 8.86
C LEU H 142 -11.31 23.57 9.15
N VAL H 143 -12.54 23.81 8.74
CA VAL H 143 -13.58 22.82 8.92
C VAL H 143 -14.44 22.63 7.68
N CYS H 144 -14.51 21.38 7.23
CA CYS H 144 -15.35 21.05 6.11
C CYS H 144 -16.58 20.32 6.57
N LEU H 145 -17.72 20.68 5.97
CA LEU H 145 -19.01 20.14 6.34
C LEU H 145 -19.68 19.51 5.12
N ALA H 146 -20.03 18.24 5.25
CA ALA H 146 -20.70 17.54 4.18
C ALA H 146 -22.11 17.24 4.64
N THR H 147 -23.09 17.65 3.84
CA THR H 147 -24.47 17.66 4.29
C THR H 147 -25.44 17.10 3.27
N GLY H 148 -26.54 16.56 3.76
CA GLY H 148 -27.67 16.19 2.92
C GLY H 148 -27.38 15.22 1.81
N PHE H 149 -26.73 14.10 2.13
CA PHE H 149 -26.45 13.10 1.13
C PHE H 149 -27.04 11.75 1.50
N TYR H 150 -27.75 11.16 0.56
CA TYR H 150 -28.30 9.83 0.70
C TYR H 150 -28.05 9.11 -0.60
N PRO H 151 -27.55 7.87 -0.53
CA PRO H 151 -27.32 7.15 0.73
C PRO H 151 -25.99 7.45 1.39
N ASP H 152 -25.75 6.80 2.51
CA ASP H 152 -24.52 6.97 3.25
C ASP H 152 -23.43 6.13 2.58
N HIS H 153 -22.72 6.75 1.65
CA HIS H 153 -21.70 6.08 0.86
C HIS H 153 -20.75 7.13 0.32
N VAL H 154 -19.88 7.66 1.17
CA VAL H 154 -19.03 8.79 0.78
C VAL H 154 -17.61 8.70 1.31
N GLU H 155 -16.73 9.52 0.75
CA GLU H 155 -15.35 9.63 1.22
C GLU H 155 -14.82 11.06 1.17
N LEU H 156 -14.40 11.55 2.33
CA LEU H 156 -13.86 12.90 2.42
C LEU H 156 -12.34 12.84 2.38
N SER H 157 -11.75 13.82 1.71
CA SER H 157 -10.31 13.93 1.64
C SER H 157 -9.93 15.40 1.53
N TRP H 158 -8.81 15.78 2.14
CA TRP H 158 -8.28 17.13 2.00
C TRP H 158 -7.14 17.17 1.00
N TRP H 159 -7.12 18.21 0.17
CA TRP H 159 -6.07 18.38 -0.83
C TRP H 159 -5.43 19.75 -0.74
N VAL H 160 -4.16 19.77 -0.36
CA VAL H 160 -3.43 21.02 -0.29
C VAL H 160 -2.39 21.08 -1.38
N ASN H 161 -2.64 21.94 -2.36
CA ASN H 161 -1.75 22.13 -3.51
C ASN H 161 -1.47 20.84 -4.27
N GLY H 162 -2.51 20.07 -4.56
CA GLY H 162 -2.39 18.92 -5.43
C GLY H 162 -2.00 17.62 -4.74
N LYS H 163 -1.89 17.65 -3.43
CA LYS H 163 -1.55 16.47 -2.68
C LYS H 163 -2.64 16.16 -1.69
N GLU H 164 -3.03 14.89 -1.60
CA GLU H 164 -3.93 14.49 -0.53
C GLU H 164 -3.13 14.45 0.76
N VAL H 165 -3.66 15.06 1.80
CA VAL H 165 -2.93 15.15 3.05
C VAL H 165 -3.62 14.38 4.18
N HIS H 166 -2.81 13.78 5.04
CA HIS H 166 -3.30 12.96 6.15
C HIS H 166 -2.80 13.51 7.48
N SER H 167 -1.81 14.39 7.43
CA SER H 167 -1.32 15.05 8.63
C SER H 167 -2.25 16.21 8.99
N GLY H 168 -2.56 16.35 10.27
CA GLY H 168 -3.36 17.45 10.75
C GLY H 168 -4.83 17.31 10.41
N VAL H 169 -5.22 16.16 9.87
CA VAL H 169 -6.59 15.96 9.43
C VAL H 169 -7.38 15.05 10.36
N CYS H 170 -8.60 15.48 10.67
CA CYS H 170 -9.54 14.75 11.49
C CYS H 170 -10.93 14.70 10.87
N THR H 171 -11.45 13.49 10.67
CA THR H 171 -12.76 13.30 10.06
C THR H 171 -13.60 12.36 10.92
N ASP H 172 -14.91 12.59 10.98
CA ASP H 172 -15.79 11.74 11.76
C ASP H 172 -15.68 10.27 11.36
N PRO H 173 -15.76 9.37 12.35
CA PRO H 173 -15.80 7.92 12.11
C PRO H 173 -17.12 7.52 11.47
N GLN H 174 -18.20 8.04 12.04
CA GLN H 174 -19.54 7.82 11.49
C GLN H 174 -20.20 9.16 11.29
N PRO H 175 -20.84 9.35 10.12
CA PRO H 175 -21.62 10.56 9.93
C PRO H 175 -22.85 10.49 10.82
N LEU H 176 -23.57 11.58 10.99
CA LEU H 176 -24.73 11.56 11.85
C LEU H 176 -26.03 11.52 11.06
N LYS H 177 -27.15 11.59 11.77
CA LYS H 177 -28.45 11.65 11.14
C LYS H 177 -28.98 13.06 11.29
N GLU H 178 -29.78 13.53 10.34
CA GLU H 178 -30.27 14.90 10.38
C GLU H 178 -31.63 15.07 11.06
N GLN H 179 -32.42 14.00 11.03
CA GLN H 179 -33.70 13.95 11.71
C GLN H 179 -33.91 12.49 12.06
N PRO H 180 -33.31 12.07 13.18
CA PRO H 180 -33.14 10.67 13.61
C PRO H 180 -34.40 9.83 13.46
N ALA H 181 -35.58 10.46 13.38
CA ALA H 181 -36.79 9.70 13.13
C ALA H 181 -36.70 9.02 11.76
N LEU H 182 -36.31 9.77 10.74
CA LEU H 182 -36.29 9.24 9.36
C LEU H 182 -35.02 8.44 9.04
N ASN H 183 -35.18 7.37 8.26
CA ASN H 183 -34.06 6.56 7.78
C ASN H 183 -33.86 6.75 6.28
N ASP H 184 -34.79 7.47 5.65
CA ASP H 184 -34.56 7.98 4.31
C ASP H 184 -34.07 9.41 4.49
N SER H 185 -33.67 9.72 5.73
CA SER H 185 -33.15 11.02 6.08
C SER H 185 -31.73 11.08 5.58
N ARG H 186 -31.28 12.29 5.25
CA ARG H 186 -29.94 12.45 4.78
C ARG H 186 -29.00 12.42 5.98
N TYR H 187 -27.72 12.24 5.72
CA TYR H 187 -26.72 12.18 6.77
C TYR H 187 -25.87 13.44 6.67
N ALA H 188 -25.13 13.75 7.72
CA ALA H 188 -24.19 14.86 7.65
C ALA H 188 -22.87 14.43 8.25
N LEU H 189 -21.79 15.07 7.80
CA LEU H 189 -20.44 14.68 8.21
C LEU H 189 -19.58 15.91 8.32
N SER H 190 -18.52 15.83 9.12
CA SER H 190 -17.64 16.97 9.34
C SER H 190 -16.20 16.52 9.38
N SER H 191 -15.28 17.44 9.12
CA SER H 191 -13.86 17.12 9.22
C SER H 191 -13.04 18.34 9.58
N ARG H 192 -11.84 18.08 10.07
CA ARG H 192 -11.00 19.13 10.59
C ARG H 192 -9.63 19.08 9.95
N LEU H 193 -9.02 20.24 9.83
CA LEU H 193 -7.68 20.37 9.29
C LEU H 193 -6.96 21.48 10.00
N ARG H 194 -5.91 21.15 10.74
CA ARG H 194 -5.26 22.17 11.56
C ARG H 194 -3.83 22.38 11.09
N VAL H 195 -3.49 23.63 10.80
CA VAL H 195 -2.18 23.98 10.27
C VAL H 195 -1.57 25.15 11.02
N SER H 196 -0.30 25.39 10.75
CA SER H 196 0.39 26.54 11.34
C SER H 196 -0.17 27.83 10.76
N ALA H 197 -0.22 28.86 11.60
CA ALA H 197 -0.71 30.16 11.17
C ALA H 197 0.08 30.64 9.96
N THR H 198 1.39 30.45 10.03
CA THR H 198 2.32 30.85 8.98
C THR H 198 1.89 30.30 7.62
N PHE H 199 1.55 29.01 7.60
CA PHE H 199 1.16 28.36 6.36
C PHE H 199 -0.18 28.90 5.87
N TRP H 200 -1.05 29.26 6.81
CA TRP H 200 -2.34 29.82 6.45
C TRP H 200 -2.21 31.24 5.94
N GLN H 201 -1.20 31.95 6.42
CA GLN H 201 -1.06 33.37 6.11
C GLN H 201 -0.74 33.63 4.64
N ASN H 202 -0.30 32.60 3.94
CA ASN H 202 0.08 32.76 2.54
C ASN H 202 -1.13 32.72 1.61
N PRO H 203 -1.32 33.77 0.81
CA PRO H 203 -2.33 33.80 -0.25
C PRO H 203 -2.03 32.82 -1.38
N ARG H 204 -0.88 32.18 -1.33
CA ARG H 204 -0.46 31.20 -2.34
C ARG H 204 -0.92 29.80 -1.96
N ASN H 205 -1.42 29.66 -0.75
CA ASN H 205 -1.79 28.34 -0.25
C ASN H 205 -3.24 28.01 -0.50
N HIS H 206 -3.44 26.85 -1.13
CA HIS H 206 -4.74 26.44 -1.62
C HIS H 206 -5.25 25.23 -0.85
N PHE H 207 -6.31 25.42 -0.08
CA PHE H 207 -6.86 24.36 0.76
C PHE H 207 -8.15 23.85 0.15
N ARG H 208 -8.36 22.54 0.18
CA ARG H 208 -9.56 21.98 -0.43
C ARG H 208 -10.17 20.87 0.41
N CYS H 209 -11.49 20.81 0.40
CA CYS H 209 -12.20 19.69 1.01
C CYS H 209 -12.99 19.05 -0.11
N GLN H 210 -12.59 17.85 -0.50
CA GLN H 210 -13.20 17.20 -1.63
C GLN H 210 -13.92 15.95 -1.17
N VAL H 211 -15.16 15.78 -1.63
CA VAL H 211 -15.97 14.68 -1.15
C VAL H 211 -16.49 13.86 -2.30
N GLN H 212 -16.07 12.60 -2.34
CA GLN H 212 -16.59 11.70 -3.34
C GLN H 212 -17.97 11.24 -2.89
N PHE H 213 -18.91 11.19 -3.84
CA PHE H 213 -20.26 10.73 -3.55
C PHE H 213 -20.64 9.59 -4.47
N TYR H 214 -20.91 8.43 -3.89
CA TYR H 214 -21.34 7.28 -4.67
C TYR H 214 -22.87 7.23 -4.70
N GLY H 215 -23.43 7.53 -5.85
CA GLY H 215 -24.87 7.55 -6.03
C GLY H 215 -25.21 6.84 -7.32
N LEU H 216 -26.08 7.46 -8.11
CA LEU H 216 -26.58 6.80 -9.30
C LEU H 216 -25.53 6.68 -10.40
N SER H 217 -25.67 5.64 -11.21
CA SER H 217 -24.78 5.41 -12.34
C SER H 217 -25.33 6.14 -13.57
N GLU H 218 -24.48 6.32 -14.57
CA GLU H 218 -24.81 7.08 -15.79
C GLU H 218 -26.04 6.49 -16.48
N ASN H 219 -26.21 5.17 -16.37
CA ASN H 219 -27.28 4.49 -17.10
C ASN H 219 -28.67 4.67 -16.49
N ASP H 220 -28.76 4.62 -15.16
CA ASP H 220 -30.05 4.73 -14.45
C ASP H 220 -30.95 5.84 -15.00
N GLU H 221 -32.21 5.51 -15.21
CA GLU H 221 -33.18 6.46 -15.75
C GLU H 221 -33.76 7.31 -14.62
N TRP H 222 -33.68 8.64 -14.74
CA TRP H 222 -34.08 9.53 -13.66
C TRP H 222 -35.26 10.41 -14.06
N THR H 223 -36.41 10.16 -13.44
CA THR H 223 -37.65 10.85 -13.76
C THR H 223 -37.98 11.88 -12.71
N GLN H 224 -37.27 13.01 -12.71
CA GLN H 224 -37.46 14.02 -11.69
C GLN H 224 -37.00 15.39 -12.18
N ASP H 225 -37.57 16.44 -11.60
CA ASP H 225 -37.17 17.80 -11.94
C ASP H 225 -35.94 18.18 -11.12
N ARG H 226 -35.47 17.23 -10.32
CA ARG H 226 -34.30 17.47 -9.47
C ARG H 226 -33.02 17.13 -10.22
N ALA H 227 -31.92 17.71 -9.74
CA ALA H 227 -30.61 17.37 -10.28
C ALA H 227 -30.32 15.91 -9.96
N LYS H 228 -30.08 15.12 -11.00
CA LYS H 228 -29.80 13.70 -10.86
C LYS H 228 -28.70 13.41 -9.85
N PRO H 229 -29.04 12.71 -8.76
CA PRO H 229 -28.06 12.34 -7.73
C PRO H 229 -27.11 11.26 -8.24
N VAL H 230 -26.16 11.70 -9.05
CA VAL H 230 -25.26 10.81 -9.77
C VAL H 230 -23.94 10.65 -8.99
N THR H 231 -23.25 9.53 -9.20
CA THR H 231 -21.93 9.30 -8.62
C THR H 231 -20.97 10.42 -9.03
N GLN H 232 -20.48 11.17 -8.04
CA GLN H 232 -19.74 12.39 -8.33
C GLN H 232 -18.86 12.87 -7.20
N ILE H 233 -18.08 13.91 -7.48
CA ILE H 233 -17.27 14.57 -6.47
C ILE H 233 -17.73 15.99 -6.22
N VAL H 234 -18.16 16.24 -4.99
CA VAL H 234 -18.50 17.59 -4.59
C VAL H 234 -17.34 18.06 -3.73
N SER H 235 -16.91 19.29 -3.95
CA SER H 235 -15.75 19.79 -3.26
C SER H 235 -15.89 21.26 -2.93
N ALA H 236 -15.16 21.70 -1.91
CA ALA H 236 -15.07 23.10 -1.57
C ALA H 236 -13.62 23.44 -1.29
N GLU H 237 -13.28 24.71 -1.43
CA GLU H 237 -11.90 25.13 -1.34
C GLU H 237 -11.79 26.41 -0.52
N ALA H 238 -10.57 26.81 -0.17
CA ALA H 238 -10.34 28.08 0.52
C ALA H 238 -8.90 28.56 0.36
N TRP H 239 -8.72 29.87 0.22
CA TRP H 239 -7.39 30.43 0.05
C TRP H 239 -7.00 31.20 1.31
N GLY H 240 -5.71 31.18 1.63
CA GLY H 240 -5.21 31.91 2.77
C GLY H 240 -5.32 33.42 2.58
N ARG H 241 -5.11 34.15 3.66
CA ARG H 241 -5.03 35.62 3.62
C ARG H 241 -4.13 36.08 4.76
N ALA H 242 -3.32 37.09 4.50
CA ALA H 242 -2.29 37.48 5.45
C ALA H 242 -2.84 38.26 6.65
N ASP H 243 -3.40 39.45 6.40
CA ASP H 243 -3.85 40.35 7.45
C ASP H 243 -2.73 40.66 8.45
#